data_1YSL
#
_entry.id   1YSL
#
_cell.length_a   105.300
_cell.length_b   109.013
_cell.length_c   140.799
_cell.angle_alpha   90.00
_cell.angle_beta   90.00
_cell.angle_gamma   90.00
#
_symmetry.space_group_name_H-M   'I 2 2 2'
#
loop_
_entity.id
_entity.type
_entity.pdbx_description
1 polymer 'HMG-CoA synthase'
2 polymer 'HMG-CoA synthase'
3 non-polymer 'SULFATE ION'
4 non-polymer GLYCEROL
5 non-polymer 'COENZYME A'
6 non-polymer 'ACETOACETIC ACID'
7 water water
#
loop_
_entity_poly.entity_id
_entity_poly.type
_entity_poly.pdbx_seq_one_letter_code
_entity_poly.pdbx_strand_id
1 'polypeptide(L)'
;MGSHHHHHHSSGLVPRGSHMTIGIDKISFFVPPYYIDMTALAEARNVDPGKFHIGIGQDQMAVNPISQDIVTFAANAAEA
ILTKEDKEAIDMVIVGTESSIDESKAAAVVLHRLMGIQPFARSFEIKEA(CSD)YGATAGLQLAKNHVALHPDKKVLVVA
ADIAKYGLNSGGEPTQGAGAVAMLVASEPRILALKEDNVMLTQDIYDFWRPTGHPYPMVDGPLSNETYIQSFAQVWDEHK
KRTGLDFADYDALAFHIPYTKMGKKALLAKISDQTEAEQERILARYEESIIYSRRVGNLYTGSLYLGLISLLENATTLTA
GNQIGLFSYGSGAVAEFFTGELVAGYQNHLQKETHLALLDNRTELSIAEYEAMFAETLDTDIDQTLEDELKYSISAINNT
VRSYRN
;
A
2 'polypeptide(L)'
;MGSHHHHHHSSGLVPRGSHMTIGIDKISFFVPPYYIDMTALAEARNVDPGKFHIGIGQDQMAVNPISQDIVTFAANAAEA
ILTKEDKEAIDMVIVGTESSIDESKAAAVVLHRLMGIQPFARSFEIKEACYGATAGLQLAKNHVALHPDKKVLVVAADIA
KYGLNSGGEPTQGAGAVAMLVASEPRILALKEDNVMLTQDIYDFWRPTGHPYPMVDGPLSNETYIQSFAQVWDEHKKRTG
LDFADYDALAFHIPYTKMGKKALLAKISDQTEAEQERILARYEESIIYSRRVGNLYTGSLYLGLISLLENATTLTAGNQI
GLFSYGSGAVAEFFTGELVAGYQNHLQKETHLALLDNRTELSIAEYEAMFAETLDTDIDQTLEDELKYSISAINNTVRSY
RN
;
B
#
# COMPACT_ATOMS: atom_id res chain seq x y z
N MET A 20 -7.53 18.02 21.57
CA MET A 20 -6.79 18.14 20.29
C MET A 20 -7.49 17.30 19.21
N THR A 21 -8.11 17.96 18.25
CA THR A 21 -8.80 17.25 17.17
C THR A 21 -7.83 16.95 16.03
N ILE A 22 -8.16 15.92 15.25
CA ILE A 22 -7.34 15.49 14.12
C ILE A 22 -8.26 15.19 12.94
N GLY A 23 -7.86 15.58 11.73
CA GLY A 23 -8.71 15.31 10.58
C GLY A 23 -8.29 16.01 9.30
N ILE A 24 -9.26 16.19 8.42
CA ILE A 24 -9.04 16.82 7.12
C ILE A 24 -9.03 18.34 7.24
N ASP A 25 -7.87 18.93 6.98
CA ASP A 25 -7.70 20.37 7.06
C ASP A 25 -8.03 21.03 5.72
N LYS A 26 -7.68 20.35 4.63
CA LYS A 26 -7.95 20.83 3.29
C LYS A 26 -8.15 19.63 2.38
N ILE A 27 -9.03 19.78 1.40
CA ILE A 27 -9.34 18.69 0.49
C ILE A 27 -9.75 19.23 -0.87
N SER A 28 -9.28 18.60 -1.93
CA SER A 28 -9.61 19.04 -3.28
C SER A 28 -9.54 17.87 -4.25
N PHE A 29 -10.25 17.99 -5.36
CA PHE A 29 -10.23 16.94 -6.37
C PHE A 29 -9.80 17.51 -7.71
N PHE A 30 -9.32 16.63 -8.57
CA PHE A 30 -8.91 17.02 -9.91
C PHE A 30 -9.38 15.94 -10.86
N VAL A 31 -9.88 16.35 -12.02
CA VAL A 31 -10.31 15.42 -13.05
C VAL A 31 -9.69 15.92 -14.36
N PRO A 32 -9.48 15.02 -15.34
CA PRO A 32 -8.89 15.44 -16.61
C PRO A 32 -9.75 16.50 -17.30
N PRO A 33 -9.17 17.23 -18.26
CA PRO A 33 -9.94 18.29 -18.96
C PRO A 33 -10.84 17.82 -20.09
N TYR A 34 -11.28 16.57 -20.04
CA TYR A 34 -12.14 16.02 -21.08
C TYR A 34 -13.31 15.24 -20.49
N TYR A 35 -14.36 15.13 -21.26
CA TYR A 35 -15.51 14.36 -20.82
C TYR A 35 -16.39 14.09 -22.01
N ILE A 36 -17.28 13.13 -21.86
N ILE A 36 -17.28 13.13 -21.86
CA ILE A 36 -18.22 12.81 -22.92
CA ILE A 36 -18.21 12.81 -22.92
C ILE A 36 -19.58 12.74 -22.26
C ILE A 36 -19.57 12.75 -22.26
N ASP A 37 -20.58 13.26 -22.95
CA ASP A 37 -21.95 13.29 -22.43
C ASP A 37 -22.58 11.90 -22.47
N MET A 38 -23.29 11.53 -21.41
CA MET A 38 -23.90 10.22 -21.34
C MET A 38 -25.02 10.00 -22.36
N THR A 39 -25.67 11.08 -22.79
CA THR A 39 -26.71 10.94 -23.79
C THR A 39 -25.99 10.55 -25.09
N ALA A 40 -24.87 11.20 -25.35
CA ALA A 40 -24.09 10.92 -26.55
C ALA A 40 -23.59 9.47 -26.54
N LEU A 41 -23.12 9.00 -25.39
CA LEU A 41 -22.63 7.63 -25.27
C LEU A 41 -23.77 6.63 -25.50
N ALA A 42 -24.92 6.92 -24.90
CA ALA A 42 -26.07 6.03 -25.05
C ALA A 42 -26.43 5.87 -26.53
N GLU A 43 -26.49 6.99 -27.25
CA GLU A 43 -26.84 6.95 -28.67
C GLU A 43 -25.79 6.15 -29.45
N ALA A 44 -24.52 6.32 -29.10
CA ALA A 44 -23.45 5.60 -29.78
C ALA A 44 -23.57 4.10 -29.50
N ARG A 45 -24.04 3.76 -28.31
CA ARG A 45 -24.20 2.36 -27.92
C ARG A 45 -25.59 1.79 -28.25
N ASN A 46 -26.31 2.51 -29.09
CA ASN A 46 -27.64 2.09 -29.53
C ASN A 46 -28.60 1.69 -28.41
N VAL A 47 -28.62 2.47 -27.32
CA VAL A 47 -29.52 2.20 -26.20
C VAL A 47 -30.29 3.47 -25.88
N ASP A 48 -31.36 3.35 -25.11
CA ASP A 48 -32.13 4.55 -24.80
C ASP A 48 -31.25 5.58 -24.12
N PRO A 49 -31.14 6.75 -24.75
CA PRO A 49 -30.35 7.89 -24.28
C PRO A 49 -30.58 8.26 -22.84
N GLY A 50 -31.31 7.42 -22.10
CA GLY A 50 -31.58 7.71 -20.71
C GLY A 50 -31.32 6.61 -19.70
N LYS A 51 -30.96 5.40 -20.15
CA LYS A 51 -30.71 4.35 -19.18
C LYS A 51 -29.44 4.68 -18.41
N PHE A 52 -28.69 5.68 -18.87
CA PHE A 52 -27.47 6.07 -18.17
C PHE A 52 -27.84 7.20 -17.19
N HIS A 53 -28.70 8.12 -17.61
CA HIS A 53 -29.11 9.23 -16.75
C HIS A 53 -29.96 8.78 -15.57
N ILE A 54 -30.83 7.79 -15.79
CA ILE A 54 -31.71 7.32 -14.73
C ILE A 54 -31.38 5.93 -14.21
N GLY A 55 -30.95 5.04 -15.09
CA GLY A 55 -30.61 3.69 -14.68
C GLY A 55 -29.46 3.64 -13.71
N ILE A 56 -28.28 4.10 -14.15
CA ILE A 56 -27.11 4.08 -13.29
C ILE A 56 -26.92 5.42 -12.59
N GLY A 57 -27.50 6.47 -13.18
CA GLY A 57 -27.42 7.81 -12.59
C GLY A 57 -26.16 8.60 -12.87
N GLN A 58 -25.73 8.61 -14.14
CA GLN A 58 -24.53 9.34 -14.54
C GLN A 58 -24.85 10.24 -15.72
N ASP A 59 -24.29 11.45 -15.72
CA ASP A 59 -24.54 12.41 -16.79
C ASP A 59 -23.34 12.74 -17.68
N GLN A 60 -22.16 12.86 -17.07
CA GLN A 60 -20.93 13.18 -17.80
C GLN A 60 -19.81 12.28 -17.26
N MET A 61 -19.00 11.74 -18.17
CA MET A 61 -17.91 10.85 -17.80
C MET A 61 -16.53 11.45 -18.05
N ALA A 62 -15.69 11.43 -17.02
CA ALA A 62 -14.34 11.97 -17.14
C ALA A 62 -13.50 11.01 -17.99
N VAL A 63 -12.74 11.57 -18.92
N VAL A 63 -12.74 11.57 -18.92
CA VAL A 63 -11.88 10.77 -19.79
CA VAL A 63 -11.88 10.77 -19.79
C VAL A 63 -10.51 11.43 -19.89
C VAL A 63 -10.51 11.43 -19.89
N ASN A 64 -9.46 10.62 -19.97
CA ASN A 64 -8.12 11.16 -20.07
C ASN A 64 -7.26 10.49 -21.14
N PRO A 65 -6.34 11.25 -21.75
CA PRO A 65 -5.43 10.76 -22.78
C PRO A 65 -4.30 9.98 -22.12
N ILE A 66 -3.56 9.20 -22.91
CA ILE A 66 -2.46 8.41 -22.35
C ILE A 66 -1.35 9.25 -21.73
N SER A 67 -1.38 10.55 -21.99
CA SER A 67 -0.37 11.47 -21.45
C SER A 67 -0.65 11.90 -20.02
N GLN A 68 -1.72 11.36 -19.44
CA GLN A 68 -2.09 11.69 -18.07
C GLN A 68 -2.29 10.41 -17.25
N ASP A 69 -1.61 10.33 -16.11
CA ASP A 69 -1.72 9.16 -15.25
C ASP A 69 -2.03 9.56 -13.80
N ILE A 70 -1.97 8.61 -12.88
CA ILE A 70 -2.30 8.92 -11.48
C ILE A 70 -1.41 9.99 -10.87
N VAL A 71 -0.16 10.09 -11.33
CA VAL A 71 0.74 11.11 -10.81
C VAL A 71 0.25 12.45 -11.30
N THR A 72 -0.14 12.52 -12.57
CA THR A 72 -0.64 13.75 -13.14
C THR A 72 -1.81 14.28 -12.30
N PHE A 73 -2.76 13.39 -12.01
CA PHE A 73 -3.94 13.79 -11.23
C PHE A 73 -3.62 14.09 -9.78
N ALA A 74 -2.81 13.23 -9.17
CA ALA A 74 -2.42 13.43 -7.79
C ALA A 74 -1.70 14.77 -7.61
N ALA A 75 -0.78 15.08 -8.53
CA ALA A 75 -0.02 16.32 -8.44
C ALA A 75 -0.90 17.56 -8.56
N ASN A 76 -1.82 17.55 -9.52
CA ASN A 76 -2.72 18.69 -9.70
C ASN A 76 -3.63 18.90 -8.50
N ALA A 77 -4.20 17.82 -7.97
CA ALA A 77 -5.10 17.92 -6.82
C ALA A 77 -4.35 18.45 -5.59
N ALA A 78 -3.15 17.92 -5.35
CA ALA A 78 -2.36 18.32 -4.20
C ALA A 78 -1.89 19.77 -4.32
N GLU A 79 -1.50 20.17 -5.53
CA GLU A 79 -1.02 21.54 -5.74
C GLU A 79 -2.08 22.55 -5.33
N ALA A 80 -3.34 22.17 -5.53
CA ALA A 80 -4.45 23.05 -5.20
C ALA A 80 -4.58 23.37 -3.71
N ILE A 81 -3.99 22.54 -2.85
CA ILE A 81 -4.13 22.76 -1.42
C ILE A 81 -2.86 22.96 -0.60
N LEU A 82 -1.69 22.78 -1.22
CA LEU A 82 -0.44 22.90 -0.45
C LEU A 82 0.25 24.26 -0.46
N THR A 83 0.58 24.76 0.73
CA THR A 83 1.30 26.01 0.88
C THR A 83 2.74 25.65 1.20
N LYS A 84 3.60 26.66 1.27
CA LYS A 84 5.01 26.41 1.58
C LYS A 84 5.11 25.81 2.98
N GLU A 85 4.29 26.31 3.90
CA GLU A 85 4.31 25.82 5.28
C GLU A 85 3.90 24.35 5.36
N ASP A 86 2.89 23.97 4.58
CA ASP A 86 2.45 22.57 4.59
C ASP A 86 3.58 21.67 4.15
N LYS A 87 4.25 22.05 3.07
CA LYS A 87 5.34 21.27 2.51
C LYS A 87 6.49 21.02 3.50
N GLU A 88 6.63 21.91 4.48
CA GLU A 88 7.68 21.76 5.49
C GLU A 88 7.21 20.91 6.65
N ALA A 89 5.89 20.89 6.88
CA ALA A 89 5.31 20.15 7.99
C ALA A 89 4.90 18.72 7.66
N ILE A 90 4.76 18.41 6.37
CA ILE A 90 4.39 17.07 5.96
C ILE A 90 5.59 16.13 6.05
N ASP A 91 5.45 15.04 6.80
CA ASP A 91 6.56 14.08 6.89
C ASP A 91 6.13 12.68 6.46
N MET A 92 5.00 12.61 5.76
CA MET A 92 4.49 11.34 5.23
C MET A 92 3.56 11.63 4.05
N VAL A 93 3.81 10.93 2.95
CA VAL A 93 3.03 11.11 1.72
C VAL A 93 2.49 9.74 1.35
N ILE A 94 1.17 9.66 1.19
CA ILE A 94 0.53 8.40 0.88
C ILE A 94 -0.38 8.51 -0.34
N VAL A 95 -0.25 7.55 -1.25
CA VAL A 95 -1.10 7.51 -2.43
C VAL A 95 -1.88 6.20 -2.39
N GLY A 96 -3.21 6.30 -2.42
CA GLY A 96 -4.04 5.11 -2.44
C GLY A 96 -4.49 4.96 -3.88
N THR A 97 -4.27 3.79 -4.46
CA THR A 97 -4.65 3.59 -5.86
C THR A 97 -4.70 2.12 -6.25
N GLU A 98 -5.40 1.85 -7.34
CA GLU A 98 -5.44 0.51 -7.87
C GLU A 98 -5.15 0.65 -9.37
N SER A 99 -4.54 1.77 -9.73
CA SER A 99 -4.16 2.07 -11.12
C SER A 99 -2.67 2.38 -11.16
N SER A 100 -1.89 1.62 -10.40
CA SER A 100 -0.45 1.83 -10.31
C SER A 100 0.27 1.74 -11.65
N ILE A 101 1.41 2.40 -11.74
CA ILE A 101 2.21 2.40 -12.95
C ILE A 101 3.53 1.66 -12.75
N ASP A 102 3.78 1.21 -11.52
CA ASP A 102 5.00 0.46 -11.20
C ASP A 102 4.65 -0.56 -10.14
N GLU A 103 5.24 -1.75 -10.25
CA GLU A 103 4.98 -2.82 -9.29
C GLU A 103 5.83 -2.68 -8.03
N SER A 104 6.86 -1.83 -8.11
CA SER A 104 7.77 -1.65 -6.98
C SER A 104 7.82 -0.22 -6.44
N LYS A 105 8.14 0.72 -7.30
CA LYS A 105 8.24 2.12 -6.91
C LYS A 105 6.88 2.77 -6.62
N ALA A 106 6.69 3.24 -5.39
CA ALA A 106 5.43 3.87 -5.00
C ALA A 106 5.22 5.18 -5.76
N ALA A 107 4.01 5.42 -6.23
CA ALA A 107 3.72 6.64 -6.94
C ALA A 107 3.92 7.85 -6.02
N ALA A 108 3.80 7.60 -4.72
CA ALA A 108 3.97 8.66 -3.72
C ALA A 108 5.36 9.29 -3.74
N VAL A 109 6.37 8.54 -4.18
CA VAL A 109 7.73 9.06 -4.24
C VAL A 109 7.84 10.20 -5.26
N VAL A 110 7.24 10.00 -6.43
CA VAL A 110 7.25 11.00 -7.48
C VAL A 110 6.40 12.20 -7.05
N LEU A 111 5.28 11.93 -6.39
CA LEU A 111 4.41 13.00 -5.91
C LEU A 111 5.16 13.86 -4.91
N HIS A 112 5.92 13.21 -4.02
CA HIS A 112 6.69 13.92 -3.01
C HIS A 112 7.68 14.89 -3.67
N ARG A 113 8.28 14.47 -4.78
CA ARG A 113 9.22 15.34 -5.49
C ARG A 113 8.49 16.50 -6.14
N LEU A 114 7.48 16.19 -6.96
CA LEU A 114 6.73 17.23 -7.65
C LEU A 114 6.11 18.29 -6.73
N MET A 115 5.68 17.89 -5.54
CA MET A 115 5.08 18.83 -4.61
C MET A 115 6.10 19.60 -3.77
N GLY A 116 7.38 19.28 -3.96
CA GLY A 116 8.43 19.96 -3.22
C GLY A 116 8.33 19.80 -1.72
N ILE A 117 7.86 18.65 -1.27
CA ILE A 117 7.73 18.39 0.15
C ILE A 117 9.12 18.18 0.75
N GLN A 118 9.29 18.57 2.02
CA GLN A 118 10.58 18.44 2.69
C GLN A 118 11.07 16.97 2.60
N PRO A 119 12.40 16.77 2.45
CA PRO A 119 13.04 15.46 2.32
C PRO A 119 12.87 14.39 3.39
N PHE A 120 12.83 14.80 4.66
CA PHE A 120 12.71 13.81 5.72
C PHE A 120 11.27 13.36 5.97
N ALA A 121 10.76 12.58 5.03
CA ALA A 121 9.40 12.07 5.10
C ALA A 121 9.36 10.65 4.51
N ARG A 122 8.38 9.85 4.91
CA ARG A 122 8.25 8.52 4.34
C ARG A 122 7.12 8.61 3.33
N SER A 123 7.29 7.92 2.21
CA SER A 123 6.29 7.94 1.15
C SER A 123 6.03 6.51 0.67
N PHE A 124 4.75 6.19 0.46
CA PHE A 124 4.41 4.86 -0.01
C PHE A 124 3.02 4.81 -0.63
N GLU A 125 2.75 3.72 -1.30
CA GLU A 125 1.49 3.50 -1.99
C GLU A 125 0.69 2.45 -1.22
N ILE A 126 -0.62 2.64 -1.12
CA ILE A 126 -1.47 1.66 -0.46
C ILE A 126 -2.40 1.06 -1.50
N LYS A 127 -2.52 -0.26 -1.50
CA LYS A 127 -3.38 -0.93 -2.45
C LYS A 127 -4.41 -1.84 -1.81
N GLU A 128 -5.66 -1.62 -2.18
CA GLU A 128 -6.76 -2.44 -1.71
C GLU A 128 -7.98 -1.88 -2.42
N ALA A 129 -7.98 -2.02 -3.74
CA ALA A 129 -9.09 -1.57 -4.58
C ALA A 129 -9.50 -0.13 -4.28
N TYR A 131 -10.57 1.05 -1.65
CA TYR A 131 -10.45 1.33 -0.22
C TYR A 131 -9.08 1.91 0.19
N GLY A 132 -8.12 1.82 -0.72
CA GLY A 132 -6.77 2.30 -0.46
C GLY A 132 -6.59 3.66 0.21
N ALA A 133 -7.25 4.70 -0.31
CA ALA A 133 -7.11 6.03 0.25
C ALA A 133 -7.69 6.13 1.67
N THR A 134 -8.74 5.38 1.94
CA THR A 134 -9.33 5.40 3.27
C THR A 134 -8.34 4.86 4.28
N ALA A 135 -7.64 3.78 3.92
CA ALA A 135 -6.63 3.23 4.81
C ALA A 135 -5.58 4.31 5.06
N GLY A 136 -5.19 5.01 3.99
CA GLY A 136 -4.22 6.08 4.12
C GLY A 136 -4.70 7.19 5.05
N LEU A 137 -5.98 7.54 4.94
CA LEU A 137 -6.52 8.60 5.79
C LEU A 137 -6.50 8.24 7.26
N GLN A 138 -6.89 7.00 7.57
CA GLN A 138 -6.91 6.56 8.96
C GLN A 138 -5.51 6.46 9.56
N LEU A 139 -4.57 5.94 8.78
CA LEU A 139 -3.19 5.80 9.25
C LEU A 139 -2.60 7.19 9.44
N ALA A 140 -2.98 8.12 8.57
CA ALA A 140 -2.48 9.48 8.67
C ALA A 140 -3.04 10.10 9.95
N LYS A 141 -4.31 9.85 10.21
CA LYS A 141 -4.96 10.36 11.41
C LYS A 141 -4.17 9.94 12.65
N ASN A 142 -3.83 8.66 12.74
CA ASN A 142 -3.09 8.15 13.90
C ASN A 142 -1.72 8.80 14.02
N HIS A 143 -1.06 8.98 12.89
CA HIS A 143 0.27 9.59 12.86
C HIS A 143 0.23 11.00 13.45
N VAL A 144 -0.70 11.81 12.96
CA VAL A 144 -0.83 13.18 13.44
C VAL A 144 -1.29 13.22 14.89
N ALA A 145 -2.10 12.25 15.29
CA ALA A 145 -2.57 12.22 16.67
C ALA A 145 -1.36 12.11 17.60
N LEU A 146 -0.38 11.32 17.19
CA LEU A 146 0.84 11.10 17.98
C LEU A 146 1.92 12.16 17.75
N HIS A 147 1.85 12.85 16.62
CA HIS A 147 2.79 13.90 16.28
C HIS A 147 1.98 15.06 15.72
N PRO A 148 1.19 15.72 16.59
CA PRO A 148 0.32 16.85 16.24
C PRO A 148 0.95 18.04 15.52
N ASP A 149 2.27 18.09 15.49
CA ASP A 149 2.95 19.18 14.81
C ASP A 149 3.23 18.84 13.34
N LYS A 150 3.01 17.57 12.99
CA LYS A 150 3.24 17.12 11.62
C LYS A 150 1.93 17.02 10.85
N LYS A 151 2.06 16.95 9.53
CA LYS A 151 0.90 16.82 8.66
C LYS A 151 1.16 15.67 7.69
N VAL A 152 0.09 15.16 7.09
CA VAL A 152 0.22 14.06 6.15
C VAL A 152 -0.59 14.37 4.91
N LEU A 153 -0.01 14.09 3.75
CA LEU A 153 -0.69 14.29 2.48
C LEU A 153 -1.18 12.91 2.05
N VAL A 154 -2.49 12.77 1.90
CA VAL A 154 -3.09 11.51 1.47
C VAL A 154 -3.81 11.81 0.18
N VAL A 155 -3.49 11.06 -0.87
CA VAL A 155 -4.12 11.30 -2.16
C VAL A 155 -4.68 10.05 -2.82
N ALA A 156 -5.96 10.09 -3.18
CA ALA A 156 -6.59 8.98 -3.86
C ALA A 156 -6.42 9.31 -5.34
N ALA A 157 -5.97 8.35 -6.13
CA ALA A 157 -5.79 8.60 -7.57
C ALA A 157 -6.08 7.32 -8.33
N ASP A 158 -6.90 7.44 -9.36
CA ASP A 158 -7.26 6.26 -10.14
C ASP A 158 -7.81 6.60 -11.51
N ILE A 159 -7.77 5.60 -12.38
CA ILE A 159 -8.29 5.71 -13.72
C ILE A 159 -9.18 4.48 -13.87
N ALA A 160 -10.50 4.69 -13.88
CA ALA A 160 -11.43 3.59 -13.99
C ALA A 160 -11.86 3.37 -15.44
N LYS A 161 -11.22 2.42 -16.09
CA LYS A 161 -11.54 2.08 -17.48
C LYS A 161 -11.93 0.61 -17.51
N TYR A 162 -13.07 0.32 -18.12
CA TYR A 162 -13.56 -1.04 -18.22
C TYR A 162 -13.43 -1.60 -19.63
N GLY A 163 -13.52 -0.72 -20.61
CA GLY A 163 -13.40 -1.13 -21.99
C GLY A 163 -14.53 -0.63 -22.85
N LEU A 164 -14.23 -0.27 -24.10
CA LEU A 164 -15.26 0.23 -25.01
C LEU A 164 -16.25 -0.90 -25.26
N ASN A 165 -17.54 -0.56 -25.23
CA ASN A 165 -18.60 -1.54 -25.45
C ASN A 165 -18.67 -2.56 -24.31
N SER A 166 -18.11 -2.20 -23.16
CA SER A 166 -18.14 -3.11 -22.01
C SER A 166 -19.31 -2.84 -21.09
N GLY A 167 -19.59 -3.79 -20.21
CA GLY A 167 -20.68 -3.63 -19.28
C GLY A 167 -20.48 -2.44 -18.36
N GLY A 168 -19.28 -2.31 -17.82
CA GLY A 168 -19.01 -1.20 -16.91
C GLY A 168 -18.62 0.12 -17.56
N GLU A 169 -18.49 0.14 -18.88
CA GLU A 169 -18.10 1.35 -19.58
C GLU A 169 -18.81 2.63 -19.11
N PRO A 170 -20.13 2.57 -18.89
CA PRO A 170 -20.88 3.74 -18.45
C PRO A 170 -20.48 4.30 -17.08
N THR A 171 -19.83 3.48 -16.26
CA THR A 171 -19.43 3.91 -14.93
C THR A 171 -18.00 4.43 -14.84
N GLN A 172 -17.32 4.52 -15.99
CA GLN A 172 -15.95 4.98 -16.02
C GLN A 172 -15.70 6.39 -15.47
N GLY A 173 -14.46 6.63 -15.06
CA GLY A 173 -14.08 7.92 -14.52
C GLY A 173 -12.58 8.00 -14.36
N ALA A 174 -12.07 9.15 -13.93
CA ALA A 174 -10.64 9.33 -13.74
C ALA A 174 -10.38 10.63 -12.98
N GLY A 175 -9.38 10.59 -12.10
CA GLY A 175 -9.07 11.78 -11.33
C GLY A 175 -8.40 11.45 -10.01
N ALA A 176 -8.39 12.43 -9.13
CA ALA A 176 -7.78 12.23 -7.82
C ALA A 176 -8.37 13.18 -6.80
N VAL A 177 -8.27 12.79 -5.53
CA VAL A 177 -8.75 13.61 -4.43
C VAL A 177 -7.59 13.71 -3.45
N ALA A 178 -7.17 14.93 -3.16
CA ALA A 178 -6.06 15.16 -2.25
C ALA A 178 -6.58 15.66 -0.92
N MET A 179 -5.98 15.17 0.16
CA MET A 179 -6.38 15.57 1.50
C MET A 179 -5.15 15.87 2.37
N LEU A 180 -5.22 16.97 3.11
CA LEU A 180 -4.14 17.33 4.02
C LEU A 180 -4.66 17.01 5.41
N VAL A 181 -4.01 16.07 6.08
CA VAL A 181 -4.41 15.66 7.42
C VAL A 181 -3.55 16.37 8.46
N ALA A 182 -4.19 17.02 9.41
CA ALA A 182 -3.47 17.75 10.45
C ALA A 182 -4.27 17.83 11.74
N SER A 183 -3.61 18.30 12.80
CA SER A 183 -4.28 18.46 14.09
C SER A 183 -5.05 19.76 13.96
N GLU A 184 -6.10 19.92 14.76
CA GLU A 184 -6.93 21.12 14.69
C GLU A 184 -7.34 21.39 13.25
N PRO A 185 -7.88 20.38 12.54
CA PRO A 185 -8.29 20.57 11.16
C PRO A 185 -9.37 21.64 11.00
N ARG A 186 -9.34 22.36 9.89
CA ARG A 186 -10.32 23.42 9.65
C ARG A 186 -11.59 22.95 8.97
N ILE A 187 -11.64 21.69 8.54
CA ILE A 187 -12.83 21.19 7.87
C ILE A 187 -13.56 20.05 8.56
N LEU A 188 -12.91 18.91 8.70
CA LEU A 188 -13.54 17.75 9.31
C LEU A 188 -12.70 17.06 10.39
N ALA A 189 -13.23 17.04 11.61
CA ALA A 189 -12.55 16.39 12.72
C ALA A 189 -13.02 14.94 12.71
N LEU A 190 -12.07 14.01 12.59
CA LEU A 190 -12.41 12.58 12.55
C LEU A 190 -12.56 11.97 13.94
N LYS A 191 -13.58 11.14 14.11
CA LYS A 191 -13.83 10.50 15.39
C LYS A 191 -13.15 9.13 15.46
N GLU A 192 -13.20 8.50 16.62
CA GLU A 192 -12.57 7.19 16.84
C GLU A 192 -13.59 6.07 16.89
N ASP A 193 -14.59 6.10 16.01
CA ASP A 193 -15.63 5.08 16.02
C ASP A 193 -15.56 4.14 14.82
N ASN A 194 -14.38 4.02 14.23
CA ASN A 194 -14.19 3.17 13.04
C ASN A 194 -14.63 1.73 13.19
N VAL A 195 -15.33 1.23 12.17
CA VAL A 195 -15.76 -0.16 12.10
C VAL A 195 -15.33 -0.64 10.72
N MET A 196 -14.42 -1.61 10.68
N MET A 196 -14.44 -1.62 10.69
CA MET A 196 -13.96 -2.15 9.41
CA MET A 196 -13.96 -2.15 9.41
C MET A 196 -14.30 -3.61 9.27
C MET A 196 -14.32 -3.61 9.26
N LEU A 197 -14.28 -4.09 8.03
CA LEU A 197 -14.61 -5.47 7.72
C LEU A 197 -13.80 -5.99 6.54
N THR A 198 -13.36 -7.24 6.62
CA THR A 198 -12.61 -7.86 5.52
C THR A 198 -13.27 -9.18 5.17
N GLN A 199 -13.52 -9.39 3.89
CA GLN A 199 -14.12 -10.62 3.39
C GLN A 199 -13.42 -10.98 2.09
N ASP A 200 -13.02 -12.23 1.93
CA ASP A 200 -12.34 -12.66 0.72
C ASP A 200 -13.42 -12.98 -0.32
N ILE A 201 -13.73 -12.00 -1.16
CA ILE A 201 -14.74 -12.15 -2.20
C ILE A 201 -14.24 -11.59 -3.52
N TYR A 202 -14.42 -12.37 -4.58
CA TYR A 202 -13.98 -11.94 -5.90
C TYR A 202 -15.10 -11.29 -6.71
N ASP A 203 -15.45 -10.07 -6.34
CA ASP A 203 -16.48 -9.32 -7.04
C ASP A 203 -15.85 -8.51 -8.17
N PHE A 204 -14.66 -8.00 -7.91
CA PHE A 204 -13.90 -7.19 -8.85
C PHE A 204 -12.42 -7.39 -8.50
N TRP A 205 -11.59 -7.59 -9.51
CA TRP A 205 -10.16 -7.74 -9.27
C TRP A 205 -9.43 -7.56 -10.59
N ARG A 206 -8.11 -7.44 -10.53
CA ARG A 206 -7.33 -7.25 -11.75
C ARG A 206 -6.00 -7.96 -11.65
N PRO A 207 -5.93 -9.20 -12.16
CA PRO A 207 -4.71 -10.01 -12.14
C PRO A 207 -3.54 -9.25 -12.71
N THR A 208 -2.35 -9.55 -12.21
CA THR A 208 -1.14 -8.91 -12.72
C THR A 208 -1.15 -9.19 -14.22
N GLY A 209 -0.92 -8.16 -15.03
CA GLY A 209 -0.91 -8.36 -16.46
C GLY A 209 -2.19 -7.97 -17.17
N HIS A 210 -3.29 -7.82 -16.42
CA HIS A 210 -4.56 -7.44 -17.03
C HIS A 210 -4.75 -5.93 -17.02
N PRO A 211 -4.86 -5.32 -18.20
CA PRO A 211 -5.04 -3.87 -18.28
C PRO A 211 -6.46 -3.46 -17.82
N TYR A 212 -7.40 -4.37 -17.98
CA TYR A 212 -8.79 -4.13 -17.59
C TYR A 212 -9.16 -5.10 -16.46
N PRO A 213 -10.09 -4.70 -15.59
CA PRO A 213 -10.46 -5.60 -14.47
C PRO A 213 -11.44 -6.73 -14.75
N MET A 214 -11.30 -7.78 -13.97
CA MET A 214 -12.21 -8.90 -14.05
C MET A 214 -13.37 -8.45 -13.18
N VAL A 215 -14.60 -8.52 -13.67
CA VAL A 215 -15.71 -8.05 -12.84
C VAL A 215 -17.00 -8.85 -12.91
N ASP A 216 -17.55 -9.14 -11.73
CA ASP A 216 -18.81 -9.87 -11.61
C ASP A 216 -19.83 -8.85 -11.11
N GLY A 217 -20.56 -8.23 -12.04
CA GLY A 217 -21.54 -7.23 -11.67
C GLY A 217 -22.49 -7.61 -10.54
N PRO A 218 -23.22 -8.72 -10.67
CA PRO A 218 -24.17 -9.17 -9.65
C PRO A 218 -23.53 -9.31 -8.27
N LEU A 219 -22.41 -10.02 -8.22
CA LEU A 219 -21.70 -10.24 -6.97
C LEU A 219 -21.20 -8.91 -6.40
N SER A 220 -20.75 -8.02 -7.26
N SER A 220 -20.75 -8.02 -7.26
CA SER A 220 -20.25 -6.73 -6.81
CA SER A 220 -20.25 -6.72 -6.82
C SER A 220 -21.35 -5.88 -6.18
C SER A 220 -21.36 -5.87 -6.18
N ASN A 221 -22.52 -5.80 -6.83
CA ASN A 221 -23.63 -5.01 -6.29
C ASN A 221 -24.00 -5.57 -4.92
N GLU A 222 -24.16 -6.89 -4.88
CA GLU A 222 -24.53 -7.61 -3.67
C GLU A 222 -23.52 -7.44 -2.53
N THR A 223 -22.25 -7.62 -2.83
CA THR A 223 -21.21 -7.50 -1.81
C THR A 223 -21.16 -6.08 -1.27
N TYR A 224 -21.31 -5.11 -2.15
CA TYR A 224 -21.28 -3.70 -1.76
C TYR A 224 -22.46 -3.37 -0.84
N ILE A 225 -23.66 -3.78 -1.24
CA ILE A 225 -24.84 -3.53 -0.44
C ILE A 225 -24.78 -4.24 0.90
N GLN A 226 -24.37 -5.51 0.90
N GLN A 226 -24.38 -5.50 0.89
CA GLN A 226 -24.28 -6.28 2.12
CA GLN A 226 -24.30 -6.25 2.14
C GLN A 226 -23.16 -5.81 3.05
C GLN A 226 -23.09 -5.88 3.00
N SER A 227 -22.06 -5.32 2.46
N SER A 227 -22.08 -5.25 2.42
CA SER A 227 -20.96 -4.84 3.27
CA SER A 227 -20.95 -4.85 3.24
C SER A 227 -21.37 -3.57 4.00
C SER A 227 -21.36 -3.58 3.99
N PHE A 228 -22.18 -2.74 3.35
CA PHE A 228 -22.62 -1.52 4.02
C PHE A 228 -23.53 -1.95 5.17
N ALA A 229 -24.47 -2.84 4.89
CA ALA A 229 -25.38 -3.32 5.94
C ALA A 229 -24.60 -3.87 7.13
N GLN A 230 -23.58 -4.69 6.85
CA GLN A 230 -22.77 -5.28 7.90
C GLN A 230 -21.98 -4.30 8.77
N VAL A 231 -21.26 -3.36 8.15
CA VAL A 231 -20.50 -2.43 8.97
C VAL A 231 -21.43 -1.44 9.65
N TRP A 232 -22.55 -1.12 9.01
CA TRP A 232 -23.51 -0.21 9.63
C TRP A 232 -24.12 -0.85 10.88
N ASP A 233 -24.59 -2.09 10.75
CA ASP A 233 -25.18 -2.78 11.88
C ASP A 233 -24.19 -2.91 13.04
N GLU A 234 -22.95 -3.29 12.73
CA GLU A 234 -21.93 -3.43 13.76
C GLU A 234 -21.63 -2.08 14.39
N HIS A 235 -21.58 -1.04 13.56
CA HIS A 235 -21.31 0.30 14.06
C HIS A 235 -22.43 0.76 14.99
N LYS A 236 -23.68 0.49 14.60
N LYS A 236 -23.67 0.48 14.60
CA LYS A 236 -24.82 0.87 15.42
CA LYS A 236 -24.81 0.86 15.42
C LYS A 236 -24.81 0.09 16.75
C LYS A 236 -24.78 0.11 16.75
N LYS A 237 -24.31 -1.13 16.72
CA LYS A 237 -24.22 -1.95 17.95
C LYS A 237 -23.28 -1.29 18.94
N ARG A 238 -22.09 -0.97 18.43
CA ARG A 238 -21.01 -0.38 19.20
C ARG A 238 -21.18 1.05 19.67
N THR A 239 -21.88 1.87 18.88
CA THR A 239 -22.06 3.27 19.22
C THR A 239 -23.47 3.68 19.61
N GLY A 240 -24.46 2.93 19.15
CA GLY A 240 -25.84 3.27 19.45
C GLY A 240 -26.33 4.33 18.50
N LEU A 241 -25.45 4.77 17.60
CA LEU A 241 -25.80 5.80 16.63
C LEU A 241 -26.63 5.23 15.47
N ASP A 242 -27.69 5.94 15.10
CA ASP A 242 -28.56 5.50 14.03
C ASP A 242 -28.63 6.62 12.98
N PHE A 243 -29.42 6.41 11.93
CA PHE A 243 -29.56 7.40 10.87
C PHE A 243 -30.00 8.78 11.36
N ALA A 244 -30.83 8.81 12.38
CA ALA A 244 -31.30 10.08 12.93
C ALA A 244 -30.16 10.88 13.54
N ASP A 245 -29.07 10.20 13.86
CA ASP A 245 -27.91 10.85 14.47
C ASP A 245 -26.92 11.39 13.44
N TYR A 246 -27.18 11.15 12.17
CA TYR A 246 -26.30 11.63 11.10
C TYR A 246 -26.94 12.71 10.25
N ASP A 247 -26.25 13.83 10.13
CA ASP A 247 -26.73 14.96 9.33
C ASP A 247 -26.54 14.67 7.85
N ALA A 248 -25.58 13.81 7.53
CA ALA A 248 -25.30 13.45 6.15
C ALA A 248 -24.43 12.20 6.09
N LEU A 249 -24.48 11.52 4.95
CA LEU A 249 -23.71 10.30 4.73
C LEU A 249 -22.99 10.35 3.38
N ALA A 250 -21.68 10.12 3.41
CA ALA A 250 -20.91 10.13 2.17
C ALA A 250 -20.62 8.63 1.92
N PHE A 251 -20.88 8.21 0.69
CA PHE A 251 -20.70 6.85 0.28
C PHE A 251 -19.71 6.69 -0.79
N HIS A 252 -19.11 5.49 -0.83
CA HIS A 252 -18.21 5.25 -1.95
C HIS A 252 -19.25 4.77 -2.96
N ILE A 253 -19.06 5.09 -4.21
CA ILE A 253 -19.98 4.66 -5.23
C ILE A 253 -19.40 4.37 -6.61
N PRO A 254 -19.78 3.22 -7.19
CA PRO A 254 -19.30 2.84 -8.52
C PRO A 254 -20.10 3.70 -9.49
N TYR A 255 -21.36 3.92 -9.13
CA TYR A 255 -22.29 4.76 -9.85
C TYR A 255 -23.36 5.17 -8.82
N THR A 256 -23.94 6.37 -9.01
CA THR A 256 -24.89 6.98 -8.07
C THR A 256 -26.11 6.19 -7.62
N LYS A 257 -26.53 5.23 -8.42
CA LYS A 257 -27.68 4.47 -8.07
C LYS A 257 -27.37 3.30 -7.17
N MET A 258 -26.09 2.88 -7.15
CA MET A 258 -25.71 1.75 -6.28
C MET A 258 -25.83 2.19 -4.83
N GLY A 259 -25.25 3.35 -4.59
CA GLY A 259 -25.25 3.95 -3.26
C GLY A 259 -26.67 4.12 -2.75
N LYS A 260 -27.54 4.62 -3.62
CA LYS A 260 -28.93 4.81 -3.24
C LYS A 260 -29.53 3.44 -2.90
N LYS A 261 -29.18 2.42 -3.67
CA LYS A 261 -29.67 1.07 -3.44
C LYS A 261 -29.25 0.58 -2.06
N ALA A 262 -27.98 0.76 -1.73
CA ALA A 262 -27.45 0.33 -0.44
C ALA A 262 -28.15 1.06 0.70
N LEU A 263 -28.41 2.34 0.48
CA LEU A 263 -29.07 3.17 1.48
C LEU A 263 -30.53 2.76 1.65
N LEU A 264 -31.26 2.66 0.53
CA LEU A 264 -32.66 2.26 0.58
C LEU A 264 -32.87 0.93 1.32
N ALA A 265 -31.96 -0.01 1.11
CA ALA A 265 -32.05 -1.32 1.74
C ALA A 265 -31.90 -1.25 3.26
N LYS A 266 -31.38 -0.15 3.77
CA LYS A 266 -31.19 -0.03 5.21
C LYS A 266 -32.02 1.03 5.92
N ILE A 267 -32.68 1.91 5.17
CA ILE A 267 -33.47 2.97 5.81
C ILE A 267 -34.98 2.79 5.72
N SER A 268 -35.43 1.65 5.20
CA SER A 268 -36.86 1.42 5.04
C SER A 268 -37.66 1.45 6.34
N ASP A 269 -36.99 1.27 7.47
CA ASP A 269 -37.69 1.29 8.75
C ASP A 269 -37.61 2.64 9.48
N GLN A 270 -37.08 3.66 8.80
CA GLN A 270 -36.98 4.99 9.38
C GLN A 270 -38.28 5.72 9.04
N THR A 271 -38.57 6.82 9.73
CA THR A 271 -39.80 7.57 9.45
C THR A 271 -39.73 8.12 8.03
N GLU A 272 -40.88 8.39 7.45
CA GLU A 272 -40.92 8.92 6.09
C GLU A 272 -40.11 10.21 5.97
N ALA A 273 -40.27 11.11 6.94
CA ALA A 273 -39.54 12.38 6.92
C ALA A 273 -38.03 12.12 6.98
N GLU A 274 -37.62 11.17 7.82
CA GLU A 274 -36.21 10.83 7.95
C GLU A 274 -35.68 10.24 6.64
N GLN A 275 -36.46 9.39 5.99
CA GLN A 275 -36.03 8.80 4.73
C GLN A 275 -35.86 9.90 3.68
N GLU A 276 -36.79 10.85 3.67
CA GLU A 276 -36.71 11.94 2.71
C GLU A 276 -35.44 12.77 2.97
N ARG A 277 -35.16 13.04 4.24
CA ARG A 277 -33.97 13.80 4.62
C ARG A 277 -32.68 13.09 4.21
N ILE A 278 -32.59 11.81 4.52
CA ILE A 278 -31.41 11.01 4.19
C ILE A 278 -31.15 10.95 2.68
N LEU A 279 -32.21 10.68 1.92
CA LEU A 279 -32.10 10.59 0.47
C LEU A 279 -31.74 11.95 -0.15
N ALA A 280 -32.23 13.03 0.46
CA ALA A 280 -31.93 14.37 -0.03
C ALA A 280 -30.45 14.67 0.18
N ARG A 281 -29.92 14.30 1.34
CA ARG A 281 -28.51 14.50 1.64
C ARG A 281 -27.67 13.66 0.67
N TYR A 282 -28.17 12.46 0.35
CA TYR A 282 -27.44 11.60 -0.58
C TYR A 282 -27.36 12.26 -1.96
N GLU A 283 -28.49 12.81 -2.43
CA GLU A 283 -28.53 13.46 -3.72
C GLU A 283 -27.50 14.58 -3.80
N GLU A 284 -27.34 15.32 -2.71
CA GLU A 284 -26.40 16.42 -2.67
C GLU A 284 -24.96 15.90 -2.71
N SER A 285 -24.74 14.72 -2.14
CA SER A 285 -23.41 14.12 -2.10
C SER A 285 -22.93 13.61 -3.45
N ILE A 286 -23.86 13.41 -4.40
CA ILE A 286 -23.50 12.89 -5.71
C ILE A 286 -23.55 13.91 -6.84
N ILE A 287 -23.73 15.18 -6.50
CA ILE A 287 -23.79 16.22 -7.53
C ILE A 287 -22.53 16.20 -8.42
N TYR A 288 -21.36 16.16 -7.80
CA TYR A 288 -20.12 16.13 -8.57
C TYR A 288 -19.92 14.80 -9.29
N SER A 289 -20.26 13.71 -8.60
CA SER A 289 -20.09 12.37 -9.15
C SER A 289 -20.83 12.13 -10.46
N ARG A 290 -22.02 12.72 -10.59
CA ARG A 290 -22.80 12.56 -11.82
C ARG A 290 -22.09 13.20 -13.02
N ARG A 291 -21.14 14.09 -12.75
CA ARG A 291 -20.41 14.78 -13.80
C ARG A 291 -19.00 14.23 -13.97
N VAL A 292 -18.64 13.22 -13.19
CA VAL A 292 -17.30 12.66 -13.24
C VAL A 292 -17.23 11.15 -13.51
N GLY A 293 -17.95 10.38 -12.71
CA GLY A 293 -17.93 8.93 -12.86
C GLY A 293 -17.14 8.34 -11.72
N ASN A 294 -16.81 7.05 -11.82
CA ASN A 294 -16.10 6.32 -10.77
C ASN A 294 -14.62 6.72 -10.65
N LEU A 295 -14.21 7.11 -9.45
CA LEU A 295 -12.82 7.50 -9.19
C LEU A 295 -12.15 6.42 -8.34
N TYR A 296 -12.80 5.27 -8.23
CA TYR A 296 -12.29 4.19 -7.41
C TYR A 296 -11.95 4.71 -6.00
N THR A 297 -10.66 4.74 -5.64
CA THR A 297 -10.27 5.20 -4.31
C THR A 297 -10.81 6.61 -3.96
N GLY A 298 -10.98 7.45 -4.98
CA GLY A 298 -11.46 8.80 -4.73
C GLY A 298 -12.96 9.05 -4.72
N SER A 299 -13.75 8.05 -5.10
CA SER A 299 -15.20 8.22 -5.15
C SER A 299 -15.83 8.70 -3.85
N LEU A 300 -15.52 8.03 -2.74
CA LEU A 300 -16.07 8.42 -1.45
C LEU A 300 -15.71 9.86 -1.13
N TYR A 301 -14.45 10.21 -1.36
CA TYR A 301 -13.99 11.54 -1.05
C TYR A 301 -14.53 12.62 -1.98
N LEU A 302 -14.89 12.25 -3.20
CA LEU A 302 -15.50 13.23 -4.11
C LEU A 302 -16.89 13.49 -3.52
N GLY A 303 -17.48 12.45 -2.96
CA GLY A 303 -18.79 12.57 -2.34
C GLY A 303 -18.71 13.49 -1.13
N LEU A 304 -17.63 13.36 -0.35
CA LEU A 304 -17.47 14.22 0.80
C LEU A 304 -17.35 15.67 0.33
N ILE A 305 -16.54 15.89 -0.70
CA ILE A 305 -16.36 17.25 -1.21
C ILE A 305 -17.70 17.80 -1.69
N SER A 306 -18.48 16.97 -2.38
CA SER A 306 -19.78 17.42 -2.88
C SER A 306 -20.69 17.88 -1.75
N LEU A 307 -20.69 17.14 -0.65
CA LEU A 307 -21.50 17.50 0.52
C LEU A 307 -21.02 18.82 1.10
N LEU A 308 -19.71 18.93 1.29
CA LEU A 308 -19.11 20.13 1.84
C LEU A 308 -19.44 21.40 1.06
N GLU A 309 -19.37 21.32 -0.27
CA GLU A 309 -19.60 22.48 -1.12
C GLU A 309 -21.02 22.66 -1.66
N ASN A 310 -21.82 21.59 -1.66
CA ASN A 310 -23.18 21.66 -2.19
C ASN A 310 -24.32 21.48 -1.18
N ALA A 311 -24.07 20.80 -0.06
CA ALA A 311 -25.13 20.59 0.94
C ALA A 311 -25.31 21.82 1.82
N THR A 312 -26.29 22.65 1.46
CA THR A 312 -26.59 23.89 2.16
C THR A 312 -27.10 23.83 3.61
N THR A 313 -27.69 22.71 4.02
CA THR A 313 -28.20 22.62 5.39
C THR A 313 -27.17 22.21 6.43
N LEU A 314 -26.00 21.78 5.98
CA LEU A 314 -24.97 21.36 6.92
C LEU A 314 -24.36 22.58 7.58
N THR A 315 -23.97 22.42 8.84
CA THR A 315 -23.38 23.52 9.59
C THR A 315 -22.40 22.95 10.62
N ALA A 316 -21.61 23.82 11.23
CA ALA A 316 -20.63 23.39 12.24
C ALA A 316 -21.25 22.49 13.30
N GLY A 317 -20.53 21.44 13.67
CA GLY A 317 -21.03 20.52 14.68
C GLY A 317 -21.78 19.33 14.13
N ASN A 318 -22.23 19.41 12.87
CA ASN A 318 -22.97 18.31 12.25
C ASN A 318 -22.08 17.07 12.12
N GLN A 319 -22.72 15.90 12.16
CA GLN A 319 -22.00 14.64 12.06
C GLN A 319 -22.15 14.05 10.65
N ILE A 320 -21.01 13.70 10.05
CA ILE A 320 -21.02 13.12 8.71
C ILE A 320 -20.55 11.67 8.78
N GLY A 321 -21.37 10.76 8.26
CA GLY A 321 -20.99 9.36 8.26
C GLY A 321 -20.35 9.01 6.92
N LEU A 322 -19.23 8.29 6.95
CA LEU A 322 -18.57 7.92 5.72
C LEU A 322 -18.44 6.42 5.60
N PHE A 323 -18.88 5.90 4.45
CA PHE A 323 -18.80 4.47 4.17
C PHE A 323 -17.83 4.26 3.02
N SER A 324 -16.71 3.63 3.33
CA SER A 324 -15.69 3.33 2.35
C SER A 324 -15.80 1.87 1.97
N TYR A 325 -15.68 1.60 0.68
CA TYR A 325 -15.76 0.24 0.20
C TYR A 325 -14.64 -0.05 -0.76
N GLY A 326 -14.23 -1.31 -0.74
CA GLY A 326 -13.19 -1.75 -1.62
C GLY A 326 -13.52 -3.18 -2.04
N SER A 327 -13.55 -3.45 -3.32
N SER A 327 -13.57 -3.45 -3.31
CA SER A 327 -13.84 -4.80 -3.78
CA SER A 327 -13.85 -4.80 -3.78
C SER A 327 -12.67 -5.66 -3.31
C SER A 327 -12.68 -5.66 -3.31
N GLY A 328 -12.93 -6.95 -3.16
CA GLY A 328 -11.90 -7.86 -2.72
C GLY A 328 -12.23 -8.70 -1.50
N ALA A 329 -12.91 -8.19 -0.47
CA ALA A 329 -13.41 -6.82 -0.38
C ALA A 329 -13.19 -6.33 1.04
N VAL A 330 -13.04 -5.02 1.19
CA VAL A 330 -12.81 -4.43 2.50
C VAL A 330 -13.72 -3.21 2.63
N ALA A 331 -14.28 -2.98 3.81
CA ALA A 331 -15.16 -1.84 4.01
C ALA A 331 -14.94 -1.23 5.39
N GLU A 332 -15.33 0.02 5.55
CA GLU A 332 -15.17 0.69 6.82
C GLU A 332 -16.15 1.84 6.95
N PHE A 333 -16.68 2.03 8.15
CA PHE A 333 -17.60 3.13 8.40
C PHE A 333 -16.97 3.93 9.52
N PHE A 334 -16.94 5.25 9.36
CA PHE A 334 -16.37 6.12 10.36
C PHE A 334 -17.08 7.47 10.30
N THR A 335 -16.91 8.27 11.35
N THR A 335 -16.90 8.27 11.35
CA THR A 335 -17.56 9.57 11.43
CA THR A 335 -17.57 9.57 11.44
C THR A 335 -16.62 10.78 11.48
C THR A 335 -16.63 10.77 11.49
N GLY A 336 -17.10 11.88 10.93
CA GLY A 336 -16.33 13.10 10.94
C GLY A 336 -17.27 14.22 11.38
N GLU A 337 -16.75 15.22 12.08
CA GLU A 337 -17.57 16.35 12.52
C GLU A 337 -17.12 17.64 11.83
N LEU A 338 -18.09 18.38 11.29
CA LEU A 338 -17.78 19.63 10.59
C LEU A 338 -17.26 20.66 11.58
N VAL A 339 -16.12 21.24 11.25
CA VAL A 339 -15.48 22.24 12.08
C VAL A 339 -16.02 23.63 11.80
N ALA A 340 -16.21 24.41 12.86
CA ALA A 340 -16.70 25.77 12.71
C ALA A 340 -15.81 26.52 11.72
N GLY A 341 -16.43 27.12 10.71
CA GLY A 341 -15.69 27.88 9.71
C GLY A 341 -15.22 27.10 8.50
N TYR A 342 -15.58 25.82 8.40
CA TYR A 342 -15.15 24.98 7.28
C TYR A 342 -15.52 25.56 5.92
N GLN A 343 -16.66 26.25 5.85
CA GLN A 343 -17.12 26.83 4.60
C GLN A 343 -16.13 27.80 3.97
N ASN A 344 -15.23 28.35 4.79
CA ASN A 344 -14.24 29.31 4.35
C ASN A 344 -13.00 28.66 3.79
N HIS A 345 -12.98 27.34 3.83
CA HIS A 345 -11.79 26.65 3.38
C HIS A 345 -12.06 25.58 2.34
N LEU A 346 -13.03 25.83 1.47
CA LEU A 346 -13.35 24.86 0.43
C LEU A 346 -12.76 25.35 -0.88
N GLN A 347 -13.04 24.64 -1.97
CA GLN A 347 -12.52 25.01 -3.28
C GLN A 347 -13.62 24.97 -4.32
N LYS A 348 -14.83 25.36 -3.91
CA LYS A 348 -15.98 25.34 -4.81
C LYS A 348 -15.74 26.04 -6.15
N GLU A 349 -15.22 27.28 -6.10
CA GLU A 349 -14.98 28.01 -7.35
C GLU A 349 -14.01 27.25 -8.26
N THR A 350 -12.91 26.76 -7.69
CA THR A 350 -11.93 26.02 -8.46
C THR A 350 -12.54 24.75 -9.07
N HIS A 351 -13.29 24.03 -8.24
CA HIS A 351 -13.93 22.79 -8.67
C HIS A 351 -14.98 22.98 -9.76
N LEU A 352 -15.80 24.02 -9.63
CA LEU A 352 -16.82 24.27 -10.63
C LEU A 352 -16.17 24.67 -11.96
N ALA A 353 -15.13 25.48 -11.89
CA ALA A 353 -14.42 25.90 -13.10
C ALA A 353 -13.76 24.68 -13.76
N LEU A 354 -13.22 23.80 -12.93
CA LEU A 354 -12.56 22.59 -13.42
C LEU A 354 -13.53 21.73 -14.22
N LEU A 355 -14.74 21.58 -13.70
CA LEU A 355 -15.76 20.79 -14.37
C LEU A 355 -16.32 21.51 -15.60
N ASP A 356 -16.70 22.77 -15.42
CA ASP A 356 -17.27 23.54 -16.52
C ASP A 356 -16.31 23.83 -17.68
N ASN A 357 -15.02 23.96 -17.38
CA ASN A 357 -14.04 24.27 -18.42
C ASN A 357 -13.54 23.09 -19.24
N ARG A 358 -14.09 21.90 -18.99
CA ARG A 358 -13.66 20.72 -19.74
C ARG A 358 -14.14 20.76 -21.19
N THR A 359 -13.40 20.08 -22.06
CA THR A 359 -13.77 20.00 -23.46
C THR A 359 -14.59 18.75 -23.70
N GLU A 360 -15.76 18.92 -24.32
CA GLU A 360 -16.63 17.78 -24.60
C GLU A 360 -16.14 17.04 -25.82
N LEU A 361 -15.96 15.72 -25.68
CA LEU A 361 -15.49 14.90 -26.79
C LEU A 361 -16.67 14.21 -27.49
N SER A 362 -16.52 13.98 -28.79
CA SER A 362 -17.55 13.27 -29.54
C SER A 362 -17.25 11.82 -29.20
N ILE A 363 -18.17 10.91 -29.51
CA ILE A 363 -17.94 9.51 -29.21
C ILE A 363 -16.70 9.03 -29.96
N ALA A 364 -16.53 9.53 -31.19
CA ALA A 364 -15.39 9.15 -32.01
C ALA A 364 -14.08 9.60 -31.37
N GLU A 365 -14.03 10.83 -30.90
CA GLU A 365 -12.83 11.36 -30.27
C GLU A 365 -12.55 10.56 -28.98
N TYR A 366 -13.62 10.26 -28.27
CA TYR A 366 -13.53 9.48 -27.03
C TYR A 366 -12.93 8.08 -27.25
N GLU A 367 -13.48 7.33 -28.20
CA GLU A 367 -12.98 5.99 -28.45
C GLU A 367 -11.52 6.01 -28.88
N ALA A 368 -11.14 7.05 -29.63
CA ALA A 368 -9.77 7.18 -30.10
C ALA A 368 -8.83 7.46 -28.92
N MET A 369 -9.27 8.33 -28.02
CA MET A 369 -8.47 8.68 -26.85
C MET A 369 -8.40 7.53 -25.86
N PHE A 370 -9.51 6.80 -25.74
CA PHE A 370 -9.60 5.67 -24.82
C PHE A 370 -8.78 4.46 -25.25
N ALA A 371 -8.79 4.16 -26.54
CA ALA A 371 -8.08 3.02 -27.07
C ALA A 371 -6.57 3.19 -27.19
N GLU A 372 -6.12 4.43 -27.28
CA GLU A 372 -4.70 4.72 -27.40
C GLU A 372 -3.92 4.10 -26.25
N THR A 373 -2.79 3.46 -26.56
CA THR A 373 -1.98 2.81 -25.55
C THR A 373 -0.63 3.50 -25.40
N LEU A 374 -0.14 3.62 -24.18
CA LEU A 374 1.18 4.20 -23.97
C LEU A 374 2.11 3.02 -23.89
N ASP A 375 3.02 2.89 -24.85
CA ASP A 375 3.96 1.78 -24.73
C ASP A 375 5.20 2.30 -24.03
N THR A 376 5.34 1.96 -22.75
CA THR A 376 6.47 2.41 -21.95
C THR A 376 7.80 1.84 -22.43
N ASP A 377 7.76 0.77 -23.23
CA ASP A 377 8.98 0.16 -23.73
C ASP A 377 9.58 0.92 -24.91
N ILE A 378 8.87 1.96 -25.35
CA ILE A 378 9.34 2.76 -26.48
C ILE A 378 9.71 4.16 -26.01
N ASP A 379 10.95 4.58 -26.28
CA ASP A 379 11.39 5.92 -25.89
C ASP A 379 10.60 6.88 -26.75
N GLN A 380 10.08 7.94 -26.14
CA GLN A 380 9.27 8.87 -26.89
C GLN A 380 8.98 10.13 -26.09
N THR A 381 8.40 11.12 -26.76
CA THR A 381 8.02 12.35 -26.11
C THR A 381 6.51 12.47 -26.32
N LEU A 382 5.84 13.13 -25.38
CA LEU A 382 4.40 13.31 -25.49
C LEU A 382 4.07 14.79 -25.36
N GLU A 383 3.08 15.23 -26.12
CA GLU A 383 2.66 16.63 -26.08
C GLU A 383 1.33 16.72 -25.35
N ASP A 384 1.28 17.56 -24.33
CA ASP A 384 0.07 17.74 -23.54
C ASP A 384 0.27 19.04 -22.77
N GLU A 385 -0.68 19.96 -22.89
CA GLU A 385 -0.57 21.25 -22.19
C GLU A 385 -0.79 21.18 -20.69
N LEU A 386 -1.46 20.13 -20.22
CA LEU A 386 -1.73 20.00 -18.79
C LEU A 386 -0.47 19.89 -17.94
N LYS A 387 -0.43 20.67 -16.86
CA LYS A 387 0.71 20.61 -15.96
C LYS A 387 0.74 19.22 -15.33
N TYR A 388 1.95 18.71 -15.13
CA TYR A 388 2.17 17.39 -14.54
C TYR A 388 1.77 16.21 -15.43
N SER A 389 1.50 16.49 -16.70
CA SER A 389 1.17 15.42 -17.63
C SER A 389 2.51 14.78 -18.02
N ILE A 390 2.45 13.57 -18.58
CA ILE A 390 3.67 12.87 -18.99
C ILE A 390 4.25 13.63 -20.19
N SER A 391 5.54 13.95 -20.12
CA SER A 391 6.20 14.68 -21.19
C SER A 391 7.13 13.80 -22.01
N ALA A 392 7.54 12.69 -21.43
CA ALA A 392 8.45 11.79 -22.14
C ALA A 392 8.63 10.46 -21.43
N ILE A 393 9.11 9.48 -22.18
N ILE A 393 9.09 9.47 -22.19
CA ILE A 393 9.37 8.16 -21.64
CA ILE A 393 9.37 8.14 -21.67
C ILE A 393 10.77 7.80 -22.13
C ILE A 393 10.78 7.81 -22.14
N ASN A 394 11.63 7.43 -21.20
CA ASN A 394 13.00 7.07 -21.54
C ASN A 394 13.42 5.87 -20.72
N ASN A 395 13.69 4.77 -21.42
CA ASN A 395 14.07 3.52 -20.76
C ASN A 395 12.97 3.16 -19.77
N THR A 396 11.72 3.30 -20.21
CA THR A 396 10.50 3.02 -19.45
C THR A 396 10.16 4.07 -18.40
N VAL A 397 11.11 4.92 -18.04
CA VAL A 397 10.89 5.95 -17.03
C VAL A 397 10.08 7.13 -17.54
N ARG A 398 9.08 7.54 -16.76
CA ARG A 398 8.23 8.66 -17.13
C ARG A 398 8.75 9.99 -16.61
N SER A 399 8.67 11.01 -17.45
CA SER A 399 9.06 12.36 -17.06
C SER A 399 7.75 13.15 -17.06
N TYR A 400 7.64 14.14 -16.19
CA TYR A 400 6.42 14.95 -16.11
C TYR A 400 6.73 16.42 -16.32
N ARG A 401 5.85 17.11 -17.06
CA ARG A 401 6.07 18.52 -17.30
C ARG A 401 5.50 19.35 -16.16
N ASN A 402 6.38 19.86 -15.31
CA ASN A 402 5.98 20.69 -14.19
C ASN A 402 6.50 22.10 -14.38
N MET B 20 3.24 1.09 28.72
CA MET B 20 2.84 1.72 27.44
C MET B 20 3.88 1.53 26.33
N THR B 21 4.61 0.41 26.37
CA THR B 21 5.59 0.13 25.33
C THR B 21 4.85 -0.45 24.13
N ILE B 22 5.45 -0.31 22.95
N ILE B 22 5.45 -0.34 22.94
CA ILE B 22 4.83 -0.75 21.70
CA ILE B 22 4.80 -0.88 21.76
C ILE B 22 5.85 -1.33 20.70
C ILE B 22 5.86 -1.41 20.81
N GLY B 23 5.56 -2.50 20.15
CA GLY B 23 6.51 -3.07 19.21
C GLY B 23 6.21 -4.47 18.74
N ILE B 24 7.27 -5.20 18.42
CA ILE B 24 7.16 -6.55 17.93
C ILE B 24 7.04 -7.54 19.08
N ASP B 25 5.91 -8.25 19.11
CA ASP B 25 5.65 -9.23 20.16
C ASP B 25 6.17 -10.60 19.75
N LYS B 26 5.95 -10.94 18.48
CA LYS B 26 6.42 -12.22 17.94
C LYS B 26 6.85 -12.01 16.50
N ILE B 27 7.83 -12.78 16.05
CA ILE B 27 8.34 -12.64 14.69
C ILE B 27 8.91 -13.94 14.16
N SER B 28 8.71 -14.19 12.88
N SER B 28 8.70 -14.20 12.87
CA SER B 28 9.22 -15.41 12.26
CA SER B 28 9.22 -15.42 12.25
C SER B 28 9.31 -15.26 10.75
C SER B 28 9.31 -15.26 10.75
N PHE B 29 10.08 -16.14 10.12
CA PHE B 29 10.23 -16.10 8.68
C PHE B 29 9.97 -17.46 8.09
N PHE B 30 9.69 -17.45 6.79
CA PHE B 30 9.46 -18.68 6.06
C PHE B 30 10.08 -18.51 4.68
N VAL B 31 10.75 -19.57 4.21
CA VAL B 31 11.36 -19.55 2.90
C VAL B 31 10.93 -20.85 2.21
N PRO B 32 10.95 -20.89 0.88
CA PRO B 32 10.56 -22.12 0.16
C PRO B 32 11.50 -23.26 0.52
N PRO B 33 11.07 -24.51 0.27
CA PRO B 33 11.91 -25.67 0.60
C PRO B 33 13.04 -26.02 -0.35
N TYR B 34 13.43 -25.08 -1.20
CA TYR B 34 14.50 -25.33 -2.17
C TYR B 34 15.58 -24.26 -2.14
N TYR B 35 16.77 -24.62 -2.58
CA TYR B 35 17.89 -23.69 -2.64
C TYR B 35 18.96 -24.22 -3.57
N ILE B 36 19.89 -23.34 -3.94
CA ILE B 36 21.03 -23.73 -4.76
C ILE B 36 22.28 -23.20 -4.10
N ASP B 37 23.37 -23.96 -4.23
CA ASP B 37 24.66 -23.59 -3.67
C ASP B 37 25.25 -22.49 -4.56
N MET B 38 25.67 -21.38 -3.97
CA MET B 38 26.21 -20.29 -4.77
C MET B 38 27.49 -20.67 -5.52
N THR B 39 28.20 -21.68 -5.03
CA THR B 39 29.42 -22.13 -5.70
C THR B 39 28.99 -22.74 -7.04
N ALA B 40 27.94 -23.55 -7.00
CA ALA B 40 27.42 -24.20 -8.20
C ALA B 40 26.97 -23.16 -9.21
N LEU B 41 26.30 -22.11 -8.74
CA LEU B 41 25.82 -21.06 -9.63
C LEU B 41 27.01 -20.36 -10.29
N ALA B 42 28.04 -20.08 -9.50
CA ALA B 42 29.24 -19.41 -10.00
C ALA B 42 29.87 -20.23 -11.11
N GLU B 43 30.03 -21.52 -10.88
CA GLU B 43 30.62 -22.41 -11.87
C GLU B 43 29.78 -22.44 -13.14
N ALA B 44 28.47 -22.49 -13.00
CA ALA B 44 27.59 -22.52 -14.17
C ALA B 44 27.64 -21.20 -14.94
N ARG B 45 27.89 -20.11 -14.22
CA ARG B 45 27.96 -18.79 -14.83
C ARG B 45 29.39 -18.40 -15.19
N ASN B 46 30.32 -19.32 -15.00
CA ASN B 46 31.73 -19.09 -15.28
C ASN B 46 32.25 -17.85 -14.56
N VAL B 47 31.97 -17.80 -13.26
CA VAL B 47 32.39 -16.71 -12.39
C VAL B 47 33.17 -17.31 -11.22
N ASP B 48 34.15 -16.60 -10.68
CA ASP B 48 34.88 -17.12 -9.53
C ASP B 48 33.88 -17.31 -8.42
N PRO B 49 33.91 -18.46 -7.72
CA PRO B 49 32.95 -18.62 -6.62
C PRO B 49 33.10 -17.54 -5.55
N GLY B 50 34.33 -17.06 -5.43
CA GLY B 50 34.62 -16.03 -4.44
C GLY B 50 33.84 -14.75 -4.69
N LYS B 51 33.48 -14.50 -5.95
CA LYS B 51 32.73 -13.28 -6.28
C LYS B 51 31.39 -13.31 -5.55
N PHE B 52 30.82 -14.50 -5.46
CA PHE B 52 29.53 -14.67 -4.80
C PHE B 52 29.66 -14.79 -3.29
N HIS B 53 30.47 -15.74 -2.84
CA HIS B 53 30.65 -15.98 -1.41
C HIS B 53 31.26 -14.80 -0.67
N ILE B 54 32.24 -14.16 -1.27
CA ILE B 54 32.93 -13.04 -0.64
C ILE B 54 32.54 -11.67 -1.21
N GLY B 55 32.63 -11.53 -2.52
CA GLY B 55 32.30 -10.25 -3.14
C GLY B 55 30.90 -9.74 -2.80
N ILE B 56 29.91 -10.61 -2.99
CA ILE B 56 28.52 -10.28 -2.73
C ILE B 56 28.11 -10.72 -1.31
N GLY B 57 28.69 -11.83 -0.85
CA GLY B 57 28.39 -12.32 0.48
C GLY B 57 27.19 -13.24 0.59
N GLN B 58 26.99 -14.09 -0.43
CA GLN B 58 25.87 -15.03 -0.43
C GLN B 58 26.35 -16.48 -0.56
N ASP B 59 25.75 -17.38 0.22
CA ASP B 59 26.14 -18.79 0.19
C ASP B 59 25.08 -19.74 -0.39
N GLN B 60 23.81 -19.51 -0.09
CA GLN B 60 22.72 -20.35 -0.59
C GLN B 60 21.56 -19.45 -1.00
N MET B 61 20.99 -19.71 -2.17
CA MET B 61 19.88 -18.90 -2.67
C MET B 61 18.53 -19.63 -2.58
N ALA B 62 17.56 -18.96 -1.95
CA ALA B 62 16.23 -19.54 -1.82
C ALA B 62 15.55 -19.49 -3.19
N VAL B 63 14.93 -20.60 -3.58
CA VAL B 63 14.23 -20.71 -4.87
C VAL B 63 12.86 -21.33 -4.64
N ASN B 64 11.85 -20.86 -5.36
CA ASN B 64 10.50 -21.38 -5.20
C ASN B 64 9.84 -21.71 -6.55
N PRO B 65 8.97 -22.72 -6.56
CA PRO B 65 8.26 -23.14 -7.78
C PRO B 65 7.06 -22.20 -7.99
N ILE B 66 6.51 -22.19 -9.19
CA ILE B 66 5.37 -21.32 -9.50
C ILE B 66 4.13 -21.62 -8.68
N SER B 67 4.14 -22.73 -7.96
CA SER B 67 3.00 -23.13 -7.14
C SER B 67 3.00 -22.44 -5.78
N GLN B 68 4.02 -21.61 -5.54
CA GLN B 68 4.15 -20.88 -4.28
C GLN B 68 4.28 -19.39 -4.57
N ASP B 69 3.40 -18.59 -3.98
CA ASP B 69 3.44 -17.14 -4.17
C ASP B 69 3.57 -16.41 -2.83
N ILE B 70 3.43 -15.08 -2.84
CA ILE B 70 3.57 -14.34 -1.59
C ILE B 70 2.54 -14.74 -0.54
N VAL B 71 1.36 -15.21 -0.97
CA VAL B 71 0.34 -15.63 -0.03
C VAL B 71 0.84 -16.90 0.67
N THR B 72 1.38 -17.83 -0.13
CA THR B 72 1.94 -19.07 0.38
C THR B 72 2.93 -18.76 1.49
N PHE B 73 3.88 -17.87 1.20
CA PHE B 73 4.90 -17.51 2.17
C PHE B 73 4.34 -16.75 3.37
N ALA B 74 3.47 -15.78 3.11
CA ALA B 74 2.90 -14.99 4.20
C ALA B 74 2.07 -15.85 5.15
N ALA B 75 1.30 -16.78 4.59
CA ALA B 75 0.45 -17.67 5.39
C ALA B 75 1.28 -18.58 6.29
N ASN B 76 2.33 -19.17 5.74
CA ASN B 76 3.17 -20.07 6.53
C ASN B 76 3.92 -19.29 7.62
N ALA B 77 4.39 -18.10 7.29
CA ALA B 77 5.11 -17.29 8.27
C ALA B 77 4.20 -16.88 9.42
N ALA B 78 3.02 -16.37 9.07
CA ALA B 78 2.06 -15.92 10.08
C ALA B 78 1.54 -17.07 10.94
N GLU B 79 1.33 -18.22 10.31
CA GLU B 79 0.81 -19.37 11.05
C GLU B 79 1.75 -19.80 12.17
N ALA B 80 3.04 -19.53 12.00
CA ALA B 80 4.02 -19.91 13.01
C ALA B 80 3.93 -19.08 14.29
N ILE B 81 3.28 -17.93 14.23
CA ILE B 81 3.19 -17.08 15.43
C ILE B 81 1.80 -16.69 15.92
N LEU B 82 0.75 -17.12 15.23
CA LEU B 82 -0.59 -16.73 15.64
C LEU B 82 -1.37 -17.75 16.49
N THR B 83 -1.84 -17.29 17.64
CA THR B 83 -2.64 -18.12 18.54
C THR B 83 -4.10 -17.75 18.30
N LYS B 84 -5.01 -18.52 18.88
CA LYS B 84 -6.44 -18.26 18.73
C LYS B 84 -6.73 -16.86 19.28
N GLU B 85 -6.07 -16.52 20.37
CA GLU B 85 -6.25 -15.23 21.02
C GLU B 85 -5.81 -14.10 20.09
N ASP B 86 -4.65 -14.26 19.45
CA ASP B 86 -4.13 -13.24 18.53
C ASP B 86 -5.13 -12.96 17.41
N LYS B 87 -5.70 -14.02 16.84
CA LYS B 87 -6.66 -13.87 15.75
C LYS B 87 -7.91 -13.08 16.12
N GLU B 88 -8.21 -13.02 17.41
CA GLU B 88 -9.39 -12.29 17.87
C GLU B 88 -9.05 -10.83 18.16
N ALA B 89 -7.80 -10.58 18.55
CA ALA B 89 -7.33 -9.24 18.87
C ALA B 89 -6.82 -8.44 17.69
N ILE B 90 -6.50 -9.11 16.59
CA ILE B 90 -6.00 -8.41 15.40
C ILE B 90 -7.13 -7.74 14.61
N ASP B 91 -7.04 -6.44 14.42
CA ASP B 91 -8.06 -5.74 13.65
C ASP B 91 -7.47 -4.99 12.45
N MET B 92 -6.24 -5.35 12.08
CA MET B 92 -5.57 -4.79 10.92
C MET B 92 -4.54 -5.79 10.41
N VAL B 93 -4.60 -6.10 9.12
CA VAL B 93 -3.66 -7.03 8.50
C VAL B 93 -2.99 -6.26 7.37
N ILE B 94 -1.67 -6.19 7.42
CA ILE B 94 -0.90 -5.47 6.41
C ILE B 94 0.14 -6.33 5.73
N VAL B 95 0.16 -6.30 4.40
CA VAL B 95 1.15 -7.05 3.65
C VAL B 95 2.02 -6.05 2.90
N GLY B 96 3.32 -6.10 3.17
CA GLY B 96 4.24 -5.21 2.48
C GLY B 96 4.86 -6.07 1.40
N THR B 97 4.75 -5.64 0.15
CA THR B 97 5.31 -6.43 -0.93
C THR B 97 5.50 -5.63 -2.21
N GLU B 98 6.33 -6.16 -3.10
CA GLU B 98 6.55 -5.55 -4.40
C GLU B 98 6.49 -6.70 -5.40
N SER B 99 5.89 -7.80 -4.96
CA SER B 99 5.71 -8.99 -5.80
C SER B 99 4.21 -9.33 -5.82
N SER B 100 3.37 -8.30 -5.92
CA SER B 100 1.93 -8.50 -5.92
C SER B 100 1.42 -9.40 -7.05
N ILE B 101 0.25 -9.99 -6.83
CA ILE B 101 -0.35 -10.89 -7.81
C ILE B 101 -1.66 -10.32 -8.35
N ASP B 102 -2.05 -9.16 -7.85
CA ASP B 102 -3.26 -8.48 -8.29
C ASP B 102 -3.00 -6.97 -8.22
N GLU B 103 -3.51 -6.23 -9.19
CA GLU B 103 -3.32 -4.78 -9.23
C GLU B 103 -4.33 -4.05 -8.36
N SER B 104 -5.39 -4.76 -7.97
CA SER B 104 -6.46 -4.18 -7.19
C SER B 104 -6.68 -4.82 -5.82
N LYS B 105 -6.90 -6.13 -5.81
CA LYS B 105 -7.16 -6.87 -4.57
C LYS B 105 -5.88 -7.06 -3.75
N ALA B 106 -5.87 -6.53 -2.53
CA ALA B 106 -4.71 -6.66 -1.66
C ALA B 106 -4.50 -8.11 -1.25
N ALA B 107 -3.24 -8.54 -1.24
CA ALA B 107 -2.91 -9.92 -0.85
C ALA B 107 -3.27 -10.15 0.61
N ALA B 108 -3.35 -9.07 1.38
CA ALA B 108 -3.69 -9.16 2.80
C ALA B 108 -5.09 -9.70 3.02
N VAL B 109 -5.97 -9.53 2.04
CA VAL B 109 -7.34 -10.01 2.16
C VAL B 109 -7.38 -11.54 2.22
N VAL B 110 -6.65 -12.20 1.33
CA VAL B 110 -6.59 -13.65 1.32
C VAL B 110 -5.87 -14.14 2.58
N LEU B 111 -4.83 -13.41 2.98
CA LEU B 111 -4.08 -13.79 4.19
C LEU B 111 -5.02 -13.75 5.39
N HIS B 112 -5.86 -12.72 5.45
CA HIS B 112 -6.83 -12.56 6.53
C HIS B 112 -7.74 -13.78 6.63
N ARG B 113 -8.18 -14.29 5.49
CA ARG B 113 -9.03 -15.47 5.46
C ARG B 113 -8.29 -16.72 5.92
N LEU B 114 -7.14 -16.99 5.29
CA LEU B 114 -6.36 -18.17 5.61
C LEU B 114 -5.94 -18.26 7.07
N MET B 115 -5.70 -17.12 7.71
CA MET B 115 -5.27 -17.12 9.11
C MET B 115 -6.45 -17.16 10.09
N GLY B 116 -7.67 -17.08 9.57
CA GLY B 116 -8.83 -17.13 10.45
C GLY B 116 -8.95 -15.95 11.41
N ILE B 117 -8.48 -14.80 10.97
CA ILE B 117 -8.53 -13.59 11.79
C ILE B 117 -9.99 -13.11 11.87
N GLN B 118 -10.37 -12.55 13.02
CA GLN B 118 -11.75 -12.08 13.19
C GLN B 118 -12.11 -11.14 12.04
N PRO B 119 -13.38 -11.19 11.60
CA PRO B 119 -13.90 -10.39 10.48
C PRO B 119 -13.82 -8.87 10.49
N PHE B 120 -13.99 -8.25 11.65
CA PHE B 120 -13.96 -6.81 11.71
C PHE B 120 -12.57 -6.22 11.79
N ALA B 121 -11.85 -6.29 10.67
CA ALA B 121 -10.50 -5.78 10.55
C ALA B 121 -10.31 -5.18 9.17
N ARG B 122 -9.35 -4.27 9.05
CA ARG B 122 -9.06 -3.68 7.75
C ARG B 122 -7.81 -4.39 7.25
N SER B 123 -7.79 -4.69 5.96
CA SER B 123 -6.66 -5.39 5.36
C SER B 123 -6.23 -4.66 4.09
N PHE B 124 -4.93 -4.50 3.92
CA PHE B 124 -4.42 -3.84 2.73
C PHE B 124 -2.96 -4.12 2.50
N GLU B 125 -2.52 -3.81 1.30
CA GLU B 125 -1.17 -4.02 0.84
C GLU B 125 -0.44 -2.68 0.77
N ILE B 126 0.82 -2.67 1.20
CA ILE B 126 1.62 -1.45 1.13
C ILE B 126 2.74 -1.69 0.13
N LYS B 127 2.90 -0.74 -0.77
CA LYS B 127 3.94 -0.87 -1.77
C LYS B 127 4.91 0.30 -1.79
N GLU B 128 6.18 -0.03 -1.61
CA GLU B 128 7.28 0.92 -1.69
C GLU B 128 8.53 0.07 -1.69
N ALA B 129 8.71 -0.68 -2.78
CA ALA B 129 9.88 -1.54 -2.95
C ALA B 129 10.19 -2.33 -1.67
N CYS B 130 11.46 -2.31 -1.26
CA CYS B 130 11.93 -3.07 -0.09
C CYS B 130 11.55 -2.38 1.25
N TYR B 131 10.85 -1.26 1.19
CA TYR B 131 10.46 -0.49 2.38
C TYR B 131 9.01 -0.73 2.86
N GLY B 132 8.21 -1.38 2.03
CA GLY B 132 6.81 -1.63 2.37
C GLY B 132 6.46 -2.17 3.74
N ALA B 133 7.18 -3.20 4.18
CA ALA B 133 6.90 -3.79 5.47
C ALA B 133 7.23 -2.82 6.60
N THR B 134 8.27 -2.01 6.43
CA THR B 134 8.66 -1.04 7.45
C THR B 134 7.56 0.00 7.64
N ALA B 135 6.98 0.46 6.54
CA ALA B 135 5.88 1.42 6.63
C ALA B 135 4.75 0.77 7.44
N GLY B 136 4.48 -0.50 7.16
CA GLY B 136 3.42 -1.20 7.87
C GLY B 136 3.70 -1.33 9.36
N LEU B 137 4.95 -1.60 9.71
CA LEU B 137 5.35 -1.74 11.12
C LEU B 137 5.16 -0.43 11.87
N GLN B 138 5.57 0.67 11.26
CA GLN B 138 5.44 1.98 11.91
C GLN B 138 3.99 2.37 12.09
N LEU B 139 3.18 2.15 11.07
CA LEU B 139 1.76 2.50 11.15
C LEU B 139 1.07 1.59 12.16
N ALA B 140 1.48 0.32 12.20
CA ALA B 140 0.90 -0.64 13.15
C ALA B 140 1.23 -0.16 14.56
N LYS B 141 2.46 0.31 14.74
CA LYS B 141 2.91 0.81 16.04
C LYS B 141 1.98 1.94 16.53
N ASN B 142 1.66 2.87 15.64
CA ASN B 142 0.80 3.99 16.01
C ASN B 142 -0.60 3.47 16.36
N HIS B 143 -1.06 2.47 15.60
CA HIS B 143 -2.38 1.89 15.80
C HIS B 143 -2.51 1.29 17.21
N VAL B 144 -1.53 0.47 17.60
N VAL B 144 -1.54 0.47 17.59
CA VAL B 144 -1.55 -0.16 18.90
CA VAL B 144 -1.56 -0.17 18.90
C VAL B 144 -1.34 0.86 20.02
C VAL B 144 -1.34 0.85 20.02
N ALA B 145 -0.62 1.93 19.71
CA ALA B 145 -0.35 2.98 20.69
C ALA B 145 -1.66 3.63 21.10
N LEU B 146 -2.53 3.80 20.11
CA LEU B 146 -3.84 4.42 20.31
C LEU B 146 -4.90 3.42 20.74
N HIS B 147 -4.70 2.14 20.42
CA HIS B 147 -5.64 1.08 20.79
C HIS B 147 -4.81 -0.09 21.31
N PRO B 148 -4.26 0.04 22.53
CA PRO B 148 -3.43 -0.97 23.19
C PRO B 148 -4.02 -2.36 23.38
N ASP B 149 -5.32 -2.51 23.20
CA ASP B 149 -5.97 -3.80 23.33
C ASP B 149 -5.97 -4.56 22.01
N LYS B 150 -5.63 -3.86 20.93
CA LYS B 150 -5.63 -4.48 19.61
C LYS B 150 -4.24 -4.87 19.15
N LYS B 151 -4.19 -5.77 18.17
CA LYS B 151 -2.92 -6.20 17.63
C LYS B 151 -2.95 -6.05 16.10
N VAL B 152 -1.76 -6.01 15.50
CA VAL B 152 -1.68 -5.87 14.05
C VAL B 152 -0.74 -6.92 13.49
N LEU B 153 -1.16 -7.57 12.42
CA LEU B 153 -0.31 -8.55 11.76
C LEU B 153 0.32 -7.82 10.58
N VAL B 154 1.64 -7.77 10.56
CA VAL B 154 2.36 -7.12 9.46
C VAL B 154 3.27 -8.17 8.84
N VAL B 155 3.09 -8.41 7.55
CA VAL B 155 3.91 -9.41 6.88
C VAL B 155 4.66 -8.87 5.66
N ALA B 156 5.96 -9.11 5.62
CA ALA B 156 6.76 -8.71 4.47
C ALA B 156 6.77 -10.02 3.67
N ALA B 157 6.46 -9.93 2.38
CA ALA B 157 6.46 -11.12 1.53
C ALA B 157 6.89 -10.71 0.13
N ASP B 158 7.87 -11.43 -0.41
CA ASP B 158 8.39 -11.13 -1.73
C ASP B 158 9.12 -12.28 -2.39
N ILE B 159 9.24 -12.18 -3.71
CA ILE B 159 9.95 -13.16 -4.52
C ILE B 159 10.90 -12.31 -5.36
N ALA B 160 12.19 -12.35 -5.02
CA ALA B 160 13.17 -11.56 -5.73
C ALA B 160 13.83 -12.34 -6.85
N LYS B 161 13.31 -12.19 -8.06
CA LYS B 161 13.85 -12.87 -9.24
C LYS B 161 14.29 -11.81 -10.23
N TYR B 162 15.55 -11.87 -10.65
CA TYR B 162 16.11 -10.91 -11.60
C TYR B 162 16.18 -11.47 -13.00
N GLY B 163 16.43 -12.78 -13.09
CA GLY B 163 16.53 -13.43 -14.39
C GLY B 163 17.79 -14.27 -14.51
N LEU B 164 17.71 -15.34 -15.29
CA LEU B 164 18.86 -16.21 -15.49
C LEU B 164 19.91 -15.43 -16.27
N ASN B 165 21.15 -15.48 -15.81
CA ASN B 165 22.27 -14.79 -16.44
C ASN B 165 22.16 -13.26 -16.35
N SER B 166 21.31 -12.77 -15.43
CA SER B 166 21.15 -11.34 -15.26
C SER B 166 22.18 -10.84 -14.25
N GLY B 167 22.34 -9.52 -14.18
CA GLY B 167 23.29 -8.94 -13.26
C GLY B 167 22.91 -9.18 -11.81
N GLY B 168 21.61 -9.11 -11.51
CA GLY B 168 21.17 -9.32 -10.14
C GLY B 168 20.89 -10.75 -9.72
N GLU B 169 20.99 -11.69 -10.65
CA GLU B 169 20.71 -13.09 -10.35
C GLU B 169 21.30 -13.62 -9.04
N PRO B 170 22.59 -13.35 -8.78
CA PRO B 170 23.23 -13.83 -7.54
C PRO B 170 22.61 -13.35 -6.23
N THR B 171 21.85 -12.26 -6.30
CA THR B 171 21.25 -11.70 -5.10
C THR B 171 19.81 -12.14 -4.86
N GLN B 172 19.29 -12.99 -5.74
CA GLN B 172 17.91 -13.48 -5.64
C GLN B 172 17.55 -14.15 -4.32
N GLY B 173 16.25 -14.19 -4.03
CA GLY B 173 15.75 -14.79 -2.82
C GLY B 173 14.24 -14.87 -2.87
N ALA B 174 13.63 -15.43 -1.82
CA ALA B 174 12.18 -15.53 -1.77
C ALA B 174 11.75 -15.93 -0.37
N GLY B 175 10.61 -15.42 0.08
CA GLY B 175 10.14 -15.75 1.40
C GLY B 175 9.30 -14.66 2.02
N ALA B 176 9.11 -14.76 3.34
CA ALA B 176 8.31 -13.77 4.06
C ALA B 176 8.71 -13.73 5.52
N VAL B 177 8.40 -12.61 6.16
CA VAL B 177 8.67 -12.42 7.57
C VAL B 177 7.39 -11.85 8.18
N ALA B 178 6.82 -12.57 9.13
CA ALA B 178 5.61 -12.13 9.80
C ALA B 178 5.94 -11.56 11.16
N MET B 179 5.28 -10.45 11.50
CA MET B 179 5.47 -9.79 12.78
C MET B 179 4.11 -9.48 13.41
N LEU B 180 3.99 -9.73 14.71
CA LEU B 180 2.76 -9.41 15.42
C LEU B 180 3.10 -8.18 16.24
N VAL B 181 2.39 -7.09 15.97
CA VAL B 181 2.61 -5.82 16.67
C VAL B 181 1.58 -5.65 17.75
N ALA B 182 2.04 -5.29 18.95
CA ALA B 182 1.12 -5.12 20.08
C ALA B 182 1.77 -4.24 21.12
N SER B 183 0.99 -3.88 22.14
CA SER B 183 1.54 -3.08 23.20
C SER B 183 2.22 -4.08 24.12
N GLU B 184 3.03 -3.58 25.05
CA GLU B 184 3.76 -4.47 25.94
C GLU B 184 4.32 -5.67 25.16
N PRO B 185 5.07 -5.41 24.08
CA PRO B 185 5.66 -6.48 23.27
C PRO B 185 6.68 -7.32 24.04
N ARG B 186 6.75 -8.61 23.73
CA ARG B 186 7.68 -9.49 24.42
C ARG B 186 9.06 -9.61 23.80
N ILE B 187 9.27 -8.96 22.66
CA ILE B 187 10.58 -9.02 22.01
C ILE B 187 11.27 -7.68 21.80
N LEU B 188 10.66 -6.80 21.01
CA LEU B 188 11.27 -5.50 20.73
C LEU B 188 10.36 -4.29 20.94
N ALA B 189 10.73 -3.43 21.89
CA ALA B 189 9.98 -2.23 22.19
C ALA B 189 10.52 -1.10 21.31
N LEU B 190 9.66 -0.59 20.42
CA LEU B 190 10.06 0.47 19.49
C LEU B 190 10.08 1.86 20.13
N LYS B 191 11.09 2.65 19.75
CA LYS B 191 11.25 4.01 20.27
C LYS B 191 10.72 5.05 19.27
N GLU B 192 10.46 6.26 19.77
CA GLU B 192 9.97 7.33 18.91
C GLU B 192 11.14 8.20 18.49
N ASP B 193 12.04 7.64 17.68
CA ASP B 193 13.20 8.38 17.22
C ASP B 193 13.37 8.22 15.71
N ASN B 194 12.29 7.83 15.04
CA ASN B 194 12.28 7.62 13.60
C ASN B 194 12.81 8.79 12.77
N VAL B 195 13.66 8.48 11.80
CA VAL B 195 14.17 9.49 10.87
C VAL B 195 13.91 8.89 9.49
N MET B 196 13.01 9.52 8.74
N MET B 196 13.03 9.54 8.74
CA MET B 196 12.66 9.03 7.41
CA MET B 196 12.64 9.06 7.41
C MET B 196 13.19 9.94 6.30
C MET B 196 13.23 9.94 6.30
N LEU B 197 13.29 9.39 5.09
CA LEU B 197 13.81 10.13 3.94
C LEU B 197 13.21 9.61 2.63
N THR B 198 12.84 10.52 1.74
CA THR B 198 12.28 10.15 0.43
C THR B 198 13.04 10.94 -0.64
N GLN B 199 13.46 10.25 -1.70
CA GLN B 199 14.16 10.88 -2.82
C GLN B 199 13.66 10.16 -4.07
N ASP B 200 13.41 10.91 -5.14
CA ASP B 200 12.93 10.32 -6.38
C ASP B 200 14.13 9.86 -7.20
N ILE B 201 14.50 8.60 -7.03
CA ILE B 201 15.66 8.04 -7.72
C ILE B 201 15.31 6.71 -8.37
N TYR B 202 15.70 6.53 -9.62
CA TYR B 202 15.42 5.29 -10.33
C TYR B 202 16.59 4.31 -10.29
N ASP B 203 16.83 3.76 -9.11
CA ASP B 203 17.92 2.79 -8.94
C ASP B 203 17.41 1.39 -9.25
N PHE B 204 16.14 1.14 -8.94
CA PHE B 204 15.50 -0.15 -9.15
C PHE B 204 14.02 0.14 -9.28
N TRP B 205 13.36 -0.50 -10.25
CA TRP B 205 11.92 -0.32 -10.43
C TRP B 205 11.40 -1.41 -11.34
N ARG B 206 10.08 -1.56 -11.41
CA ARG B 206 9.50 -2.61 -12.25
C ARG B 206 8.20 -2.11 -12.86
N PRO B 207 8.28 -1.57 -14.08
CA PRO B 207 7.10 -1.05 -14.78
C PRO B 207 5.99 -2.10 -14.86
N THR B 208 4.75 -1.64 -14.86
CA THR B 208 3.61 -2.54 -14.94
C THR B 208 3.86 -3.40 -16.19
N GLY B 209 3.64 -4.70 -16.08
CA GLY B 209 3.86 -5.55 -17.24
C GLY B 209 5.23 -6.21 -17.30
N HIS B 210 6.17 -5.73 -16.50
CA HIS B 210 7.51 -6.30 -16.49
C HIS B 210 7.63 -7.37 -15.41
N PRO B 211 7.87 -8.63 -15.82
CA PRO B 211 7.99 -9.72 -14.85
C PRO B 211 9.28 -9.57 -14.02
N TYR B 212 10.31 -8.98 -14.64
CA TYR B 212 11.58 -8.75 -13.97
C TYR B 212 11.81 -7.26 -13.77
N PRO B 213 12.55 -6.92 -12.71
CA PRO B 213 12.85 -5.51 -12.46
C PRO B 213 13.95 -4.82 -13.26
N MET B 214 13.81 -3.51 -13.34
CA MET B 214 14.79 -2.71 -14.04
C MET B 214 15.74 -2.35 -12.89
N VAL B 215 17.02 -2.52 -13.15
CA VAL B 215 18.00 -2.26 -12.16
C VAL B 215 19.29 -1.67 -12.62
N ASP B 216 19.75 -0.77 -11.76
CA ASP B 216 21.02 -0.08 -12.04
C ASP B 216 21.90 -0.46 -10.83
N GLY B 217 22.81 -1.43 -11.05
CA GLY B 217 23.66 -1.84 -9.95
C GLY B 217 24.33 -0.71 -9.20
N PRO B 218 25.21 0.03 -9.86
CA PRO B 218 25.92 1.17 -9.27
C PRO B 218 25.07 2.21 -8.55
N LEU B 219 24.00 2.67 -9.19
CA LEU B 219 23.14 3.67 -8.58
C LEU B 219 22.46 3.11 -7.33
N SER B 220 22.07 1.85 -7.37
CA SER B 220 21.43 1.19 -6.24
C SER B 220 22.38 1.13 -5.04
N ASN B 221 23.63 0.73 -5.28
CA ASN B 221 24.60 0.65 -4.20
C ASN B 221 24.87 2.03 -3.61
N GLU B 222 25.12 3.01 -4.47
CA GLU B 222 25.41 4.36 -4.02
C GLU B 222 24.25 5.06 -3.33
N THR B 223 23.03 4.82 -3.80
CA THR B 223 21.86 5.44 -3.19
C THR B 223 21.62 4.83 -1.81
N TYR B 224 21.83 3.53 -1.71
CA TYR B 224 21.66 2.83 -0.45
C TYR B 224 22.64 3.39 0.59
N ILE B 225 23.90 3.47 0.20
CA ILE B 225 24.94 3.97 1.11
C ILE B 225 24.72 5.41 1.51
N GLN B 226 24.40 6.26 0.54
CA GLN B 226 24.17 7.67 0.80
C GLN B 226 22.88 7.91 1.61
N SER B 227 21.88 7.06 1.41
CA SER B 227 20.62 7.18 2.15
C SER B 227 20.88 6.85 3.62
N PHE B 228 21.68 5.81 3.86
CA PHE B 228 21.99 5.46 5.24
C PHE B 228 22.74 6.60 5.90
N ALA B 229 23.73 7.15 5.19
CA ALA B 229 24.51 8.26 5.72
C ALA B 229 23.61 9.43 6.11
N GLN B 230 22.66 9.75 5.23
CA GLN B 230 21.74 10.86 5.47
C GLN B 230 20.83 10.67 6.68
N VAL B 231 20.18 9.52 6.79
CA VAL B 231 19.29 9.33 7.94
C VAL B 231 20.09 9.12 9.22
N TRP B 232 21.26 8.50 9.11
CA TRP B 232 22.09 8.29 10.29
C TRP B 232 22.57 9.63 10.82
N ASP B 233 23.08 10.50 9.94
CA ASP B 233 23.56 11.80 10.38
C ASP B 233 22.43 12.62 11.00
N GLU B 234 21.26 12.61 10.35
CA GLU B 234 20.11 13.36 10.87
C GLU B 234 19.67 12.79 12.21
N HIS B 235 19.70 11.47 12.33
CA HIS B 235 19.32 10.83 13.58
C HIS B 235 20.28 11.25 14.69
N LYS B 236 21.57 11.22 14.40
CA LYS B 236 22.59 11.61 15.37
C LYS B 236 22.38 13.07 15.76
N LYS B 237 22.01 13.88 14.78
CA LYS B 237 21.76 15.29 15.01
C LYS B 237 20.59 15.49 15.97
N ARG B 238 19.53 14.73 15.77
CA ARG B 238 18.33 14.85 16.60
C ARG B 238 18.40 14.15 17.97
N THR B 239 19.18 13.07 18.07
CA THR B 239 19.25 12.32 19.32
C THR B 239 20.60 12.35 20.03
N GLY B 240 21.65 12.66 19.28
CA GLY B 240 22.97 12.69 19.87
C GLY B 240 23.55 11.29 20.00
N LEU B 241 22.75 10.28 19.64
CA LEU B 241 23.18 8.89 19.72
C LEU B 241 24.20 8.55 18.61
N ASP B 242 25.24 7.80 18.96
CA ASP B 242 26.27 7.42 18.00
C ASP B 242 26.42 5.89 18.03
N PHE B 243 27.32 5.36 17.22
CA PHE B 243 27.53 3.93 17.13
C PHE B 243 27.78 3.26 18.47
N ALA B 244 28.52 3.93 19.35
CA ALA B 244 28.84 3.40 20.66
C ALA B 244 27.59 3.15 21.51
N ASP B 245 26.52 3.88 21.19
CA ASP B 245 25.27 3.75 21.93
C ASP B 245 24.37 2.63 21.43
N TYR B 246 24.81 1.93 20.38
CA TYR B 246 24.03 0.82 19.82
C TYR B 246 24.70 -0.54 20.03
N ASP B 247 23.97 -1.45 20.65
CA ASP B 247 24.46 -2.79 20.94
C ASP B 247 24.48 -3.64 19.68
N ALA B 248 23.68 -3.24 18.70
CA ALA B 248 23.63 -3.97 17.43
C ALA B 248 22.86 -3.15 16.41
N LEU B 249 23.08 -3.47 15.14
CA LEU B 249 22.40 -2.77 14.05
C LEU B 249 21.90 -3.78 13.03
N ALA B 250 20.64 -3.61 12.64
CA ALA B 250 20.03 -4.48 11.64
C ALA B 250 19.87 -3.60 10.40
N PHE B 251 20.31 -4.11 9.25
CA PHE B 251 20.23 -3.35 8.02
C PHE B 251 19.38 -4.08 6.99
N HIS B 252 18.78 -3.31 6.09
CA HIS B 252 18.04 -3.93 5.01
C HIS B 252 19.16 -4.69 4.28
N ILE B 253 18.91 -5.94 3.90
CA ILE B 253 19.93 -6.75 3.25
C ILE B 253 19.63 -7.29 1.84
N PRO B 254 19.92 -6.51 0.78
CA PRO B 254 19.68 -6.98 -0.59
C PRO B 254 20.70 -8.10 -0.85
N TYR B 255 21.86 -7.96 -0.21
CA TYR B 255 22.94 -8.95 -0.24
C TYR B 255 23.82 -8.51 0.93
N THR B 256 24.37 -9.48 1.67
CA THR B 256 25.15 -9.18 2.86
C THR B 256 26.27 -8.14 2.82
N LYS B 257 26.99 -8.02 1.72
CA LYS B 257 28.05 -7.02 1.67
C LYS B 257 27.52 -5.59 1.52
N MET B 258 26.23 -5.47 1.22
CA MET B 258 25.62 -4.15 1.06
C MET B 258 25.64 -3.36 2.37
N GLY B 259 25.12 -3.96 3.42
CA GLY B 259 25.10 -3.30 4.71
C GLY B 259 26.50 -3.02 5.21
N LYS B 260 27.42 -3.95 4.96
CA LYS B 260 28.79 -3.77 5.40
C LYS B 260 29.42 -2.57 4.72
N LYS B 261 29.17 -2.40 3.42
CA LYS B 261 29.71 -1.27 2.68
C LYS B 261 29.21 0.05 3.26
N ALA B 262 27.91 0.11 3.54
CA ALA B 262 27.29 1.31 4.09
C ALA B 262 27.85 1.61 5.48
N LEU B 263 28.08 0.56 6.25
CA LEU B 263 28.59 0.67 7.60
C LEU B 263 30.04 1.16 7.56
N LEU B 264 30.86 0.53 6.72
CA LEU B 264 32.26 0.91 6.59
C LEU B 264 32.43 2.36 6.17
N ALA B 265 31.51 2.84 5.33
CA ALA B 265 31.59 4.22 4.86
C ALA B 265 31.25 5.23 5.95
N LYS B 266 30.64 4.75 7.04
CA LYS B 266 30.22 5.66 8.10
C LYS B 266 30.92 5.49 9.46
N ILE B 267 31.66 4.40 9.64
CA ILE B 267 32.33 4.15 10.92
C ILE B 267 33.86 4.29 10.93
N SER B 268 34.43 4.71 9.81
CA SER B 268 35.87 4.86 9.69
C SER B 268 36.54 5.76 10.72
N ASP B 269 35.76 6.63 11.36
CA ASP B 269 36.29 7.55 12.36
C ASP B 269 36.17 7.04 13.79
N GLN B 270 35.45 5.93 13.96
CA GLN B 270 35.25 5.34 15.27
C GLN B 270 36.55 4.66 15.72
N THR B 271 36.65 4.34 17.00
CA THR B 271 37.85 3.65 17.50
C THR B 271 37.88 2.29 16.83
N GLU B 272 39.03 1.63 16.83
CA GLU B 272 39.13 0.33 16.20
C GLU B 272 38.34 -0.74 16.97
N ALA B 273 38.33 -0.64 18.29
CA ALA B 273 37.59 -1.60 19.09
C ALA B 273 36.12 -1.47 18.71
N GLU B 274 35.66 -0.22 18.60
CA GLU B 274 34.27 0.07 18.25
C GLU B 274 33.94 -0.49 16.87
N GLN B 275 34.83 -0.26 15.91
CA GLN B 275 34.61 -0.76 14.55
C GLN B 275 34.54 -2.28 14.54
N GLU B 276 35.42 -2.94 15.27
CA GLU B 276 35.40 -4.39 15.31
C GLU B 276 34.13 -4.91 15.97
N ARG B 277 33.63 -4.20 16.99
CA ARG B 277 32.42 -4.62 17.67
C ARG B 277 31.21 -4.48 16.74
N ILE B 278 31.17 -3.36 16.02
CA ILE B 278 30.08 -3.09 15.08
C ILE B 278 30.03 -4.12 13.98
N LEU B 279 31.18 -4.35 13.34
CA LEU B 279 31.28 -5.31 12.25
C LEU B 279 31.01 -6.73 12.72
N ALA B 280 31.35 -7.02 13.96
CA ALA B 280 31.12 -8.35 14.51
C ALA B 280 29.62 -8.57 14.69
N ARG B 281 28.94 -7.56 15.21
CA ARG B 281 27.50 -7.67 15.40
C ARG B 281 26.80 -7.71 14.04
N TYR B 282 27.40 -7.07 13.04
CA TYR B 282 26.80 -7.07 11.71
C TYR B 282 26.87 -8.49 11.15
N GLU B 283 28.02 -9.14 11.34
CA GLU B 283 28.21 -10.49 10.85
C GLU B 283 27.15 -11.41 11.42
N GLU B 284 26.77 -11.17 12.66
CA GLU B 284 25.76 -12.02 13.30
C GLU B 284 24.38 -11.75 12.70
N SER B 285 24.13 -10.52 12.26
CA SER B 285 22.84 -10.18 11.67
C SER B 285 22.61 -10.78 10.29
N ILE B 286 23.67 -11.20 9.62
CA ILE B 286 23.52 -11.75 8.26
C ILE B 286 23.64 -13.28 8.15
N ILE B 287 23.76 -13.96 9.27
CA ILE B 287 23.88 -15.42 9.24
C ILE B 287 22.76 -16.08 8.44
N TYR B 288 21.51 -15.69 8.69
CA TYR B 288 20.39 -16.27 7.94
C TYR B 288 20.36 -15.80 6.49
N SER B 289 20.55 -14.50 6.29
CA SER B 289 20.52 -13.93 4.94
C SER B 289 21.51 -14.58 3.98
N ARG B 290 22.66 -14.99 4.48
CA ARG B 290 23.65 -15.64 3.62
C ARG B 290 23.12 -16.97 3.08
N ARG B 291 22.08 -17.50 3.72
CA ARG B 291 21.48 -18.77 3.31
C ARG B 291 20.15 -18.61 2.58
N VAL B 292 19.71 -17.37 2.40
CA VAL B 292 18.43 -17.11 1.76
C VAL B 292 18.50 -16.19 0.55
N GLY B 293 19.14 -15.05 0.71
CA GLY B 293 19.22 -14.08 -0.37
C GLY B 293 18.26 -12.94 -0.08
N ASN B 294 18.05 -12.08 -1.07
CA ASN B 294 17.19 -10.91 -0.91
C ASN B 294 15.70 -11.26 -0.76
N LEU B 295 15.09 -10.73 0.30
CA LEU B 295 13.66 -10.94 0.53
C LEU B 295 12.92 -9.62 0.33
N TYR B 296 13.59 -8.65 -0.28
CA TYR B 296 13.02 -7.33 -0.52
C TYR B 296 12.49 -6.77 0.81
N THR B 297 11.16 -6.62 0.93
CA THR B 297 10.58 -6.08 2.17
C THR B 297 10.99 -6.83 3.44
N GLY B 298 11.29 -8.12 3.32
CA GLY B 298 11.65 -8.87 4.50
C GLY B 298 13.11 -8.97 4.90
N SER B 299 14.01 -8.44 4.07
CA SER B 299 15.44 -8.53 4.35
C SER B 299 15.87 -7.94 5.68
N LEU B 300 15.44 -6.72 5.97
CA LEU B 300 15.80 -6.08 7.23
C LEU B 300 15.36 -6.91 8.42
N TYR B 301 14.12 -7.35 8.31
CA TYR B 301 13.53 -8.08 9.38
C TYR B 301 14.03 -9.55 9.53
N LEU B 302 14.66 -10.05 8.49
CA LEU B 302 15.27 -11.42 8.54
C LEU B 302 16.58 -11.15 9.33
N GLY B 303 17.20 -9.98 9.06
CA GLY B 303 18.42 -9.60 9.76
C GLY B 303 18.15 -9.45 11.24
N LEU B 304 17.00 -8.87 11.58
CA LEU B 304 16.63 -8.69 12.97
C LEU B 304 16.48 -10.07 13.64
N ILE B 305 15.81 -10.98 12.95
CA ILE B 305 15.61 -12.32 13.49
C ILE B 305 16.97 -12.99 13.69
N SER B 306 17.87 -12.82 12.73
CA SER B 306 19.20 -13.42 12.82
C SER B 306 19.93 -12.92 14.06
N LEU B 307 19.85 -11.61 14.31
CA LEU B 307 20.50 -11.03 15.47
C LEU B 307 19.92 -11.63 16.75
N LEU B 308 18.60 -11.62 16.85
CA LEU B 308 17.90 -12.14 18.01
C LEU B 308 18.26 -13.59 18.32
N GLU B 309 18.21 -14.43 17.29
CA GLU B 309 18.46 -15.85 17.48
C GLU B 309 19.91 -16.31 17.40
N ASN B 310 20.78 -15.51 16.81
CA ASN B 310 22.19 -15.91 16.67
C ASN B 310 23.24 -15.18 17.53
N ALA B 311 22.97 -13.96 17.98
CA ALA B 311 23.98 -13.29 18.78
C ALA B 311 23.91 -13.69 20.25
N THR B 312 24.93 -14.42 20.72
CA THR B 312 24.96 -14.89 22.11
C THR B 312 25.11 -13.77 23.18
N THR B 313 25.92 -12.74 22.89
CA THR B 313 26.20 -11.63 23.85
C THR B 313 25.06 -10.57 24.06
N LEU B 314 24.01 -10.55 23.21
CA LEU B 314 22.92 -9.57 23.39
C LEU B 314 22.04 -9.86 24.63
N THR B 315 21.51 -8.79 25.23
N THR B 315 21.51 -8.78 25.24
CA THR B 315 20.67 -8.93 26.43
CA THR B 315 20.67 -8.91 26.43
C THR B 315 19.50 -7.96 26.47
C THR B 315 19.49 -7.95 26.46
N ALA B 316 18.61 -8.18 27.43
CA ALA B 316 17.44 -7.33 27.60
C ALA B 316 17.97 -5.95 27.93
N GLY B 317 17.32 -4.92 27.42
CA GLY B 317 17.76 -3.57 27.67
C GLY B 317 18.64 -3.01 26.57
N ASN B 318 19.29 -3.88 25.81
CA ASN B 318 20.16 -3.46 24.70
C ASN B 318 19.39 -2.68 23.64
N GLN B 319 20.05 -1.72 23.01
CA GLN B 319 19.43 -0.90 21.98
C GLN B 319 19.83 -1.42 20.60
N ILE B 320 18.84 -1.63 19.74
CA ILE B 320 19.09 -2.11 18.39
C ILE B 320 18.71 -1.03 17.39
N GLY B 321 19.64 -0.71 16.49
CA GLY B 321 19.34 0.29 15.48
C GLY B 321 18.90 -0.43 14.21
N LEU B 322 17.86 0.08 13.56
CA LEU B 322 17.40 -0.56 12.33
C LEU B 322 17.39 0.43 11.17
N PHE B 323 17.99 0.01 10.05
CA PHE B 323 18.00 0.85 8.85
C PHE B 323 17.19 0.15 7.77
N SER B 324 16.12 0.79 7.33
CA SER B 324 15.26 0.22 6.30
C SER B 324 15.45 1.03 5.03
N TYR B 325 15.50 0.34 3.90
CA TYR B 325 15.65 0.98 2.61
C TYR B 325 14.72 0.34 1.59
N GLY B 326 14.25 1.15 0.66
CA GLY B 326 13.41 0.68 -0.41
C GLY B 326 13.85 1.49 -1.62
N SER B 327 14.10 0.83 -2.75
N SER B 327 14.09 0.83 -2.76
CA SER B 327 14.53 1.55 -3.94
CA SER B 327 14.49 1.55 -3.96
C SER B 327 13.41 2.51 -4.37
C SER B 327 13.40 2.51 -4.35
N GLY B 328 13.77 3.55 -5.09
CA GLY B 328 12.77 4.51 -5.52
C GLY B 328 12.95 5.99 -5.22
N ALA B 329 13.46 6.38 -4.04
CA ALA B 329 13.87 5.49 -2.95
C ALA B 329 13.44 6.09 -1.62
N VAL B 330 13.13 5.22 -0.67
CA VAL B 330 12.71 5.67 0.66
C VAL B 330 13.53 4.95 1.73
N ALA B 331 13.91 5.68 2.78
CA ALA B 331 14.72 5.08 3.83
C ALA B 331 14.28 5.55 5.21
N GLU B 332 14.61 4.76 6.24
CA GLU B 332 14.24 5.11 7.59
C GLU B 332 15.13 4.43 8.61
N PHE B 333 15.51 5.18 9.64
CA PHE B 333 16.31 4.64 10.73
C PHE B 333 15.47 4.79 11.99
N PHE B 334 15.38 3.72 12.77
CA PHE B 334 14.62 3.75 14.01
C PHE B 334 15.23 2.76 14.99
N THR B 335 14.92 2.93 16.27
CA THR B 335 15.48 2.10 17.31
C THR B 335 14.47 1.22 18.04
N GLY B 336 14.96 0.10 18.54
CA GLY B 336 14.14 -0.83 19.28
C GLY B 336 14.94 -1.33 20.47
N GLU B 337 14.28 -1.66 21.57
CA GLU B 337 14.97 -2.15 22.75
C GLU B 337 14.55 -3.58 23.05
N LEU B 338 15.53 -4.43 23.36
CA LEU B 338 15.25 -5.82 23.67
C LEU B 338 14.50 -5.92 25.00
N VAL B 339 13.34 -6.58 24.96
CA VAL B 339 12.49 -6.76 26.12
C VAL B 339 12.95 -7.92 26.99
N ALA B 340 12.87 -7.74 28.30
CA ALA B 340 13.27 -8.80 29.22
C ALA B 340 12.49 -10.07 28.91
N GLY B 341 13.22 -11.16 28.71
CA GLY B 341 12.59 -12.43 28.41
C GLY B 341 12.37 -12.70 26.94
N TYR B 342 12.89 -11.83 26.07
CA TYR B 342 12.71 -12.02 24.63
C TYR B 342 13.29 -13.34 24.12
N GLN B 343 14.34 -13.82 24.76
CA GLN B 343 14.98 -15.07 24.34
C GLN B 343 14.05 -16.27 24.44
N ASN B 344 12.94 -16.11 25.16
CA ASN B 344 11.98 -17.19 25.35
C ASN B 344 10.83 -17.13 24.37
N HIS B 345 10.88 -16.18 23.44
CA HIS B 345 9.80 -16.03 22.47
C HIS B 345 10.30 -15.99 21.03
N LEU B 346 11.36 -16.73 20.76
CA LEU B 346 11.93 -16.77 19.42
C LEU B 346 11.55 -18.09 18.73
N GLN B 347 12.09 -18.31 17.54
CA GLN B 347 11.77 -19.52 16.79
C GLN B 347 13.01 -20.13 16.17
N LYS B 348 14.13 -20.10 16.90
CA LYS B 348 15.38 -20.63 16.39
C LYS B 348 15.30 -22.07 15.88
N GLU B 349 14.70 -22.95 16.67
CA GLU B 349 14.58 -24.34 16.26
C GLU B 349 13.78 -24.46 14.97
N THR B 350 12.65 -23.76 14.89
CA THR B 350 11.82 -23.81 13.70
C THR B 350 12.56 -23.27 12.48
N HIS B 351 13.24 -22.15 12.67
CA HIS B 351 13.99 -21.52 11.59
C HIS B 351 15.17 -22.36 11.11
N LEU B 352 15.93 -22.92 12.05
CA LEU B 352 17.08 -23.73 11.66
C LEU B 352 16.64 -24.97 10.89
N ALA B 353 15.53 -25.57 11.31
CA ALA B 353 15.01 -26.76 10.65
C ALA B 353 14.54 -26.39 9.24
N LEU B 354 13.89 -25.24 9.14
CA LEU B 354 13.39 -24.75 7.86
C LEU B 354 14.53 -24.57 6.85
N LEU B 355 15.66 -24.04 7.31
CA LEU B 355 16.81 -23.83 6.44
C LEU B 355 17.55 -25.14 6.16
N ASP B 356 17.85 -25.89 7.21
CA ASP B 356 18.58 -27.15 7.07
C ASP B 356 17.84 -28.25 6.31
N ASN B 357 16.51 -28.23 6.33
CA ASN B 357 15.77 -29.28 5.65
C ASN B 357 15.36 -29.04 4.21
N ARG B 358 15.86 -27.95 3.63
CA ARG B 358 15.53 -27.65 2.25
C ARG B 358 16.25 -28.61 1.32
N THR B 359 15.68 -28.84 0.15
CA THR B 359 16.26 -29.71 -0.86
C THR B 359 17.14 -28.88 -1.78
N GLU B 360 18.37 -29.33 -1.97
CA GLU B 360 19.31 -28.64 -2.83
C GLU B 360 19.02 -28.96 -4.29
N LEU B 361 18.90 -27.93 -5.11
CA LEU B 361 18.61 -28.11 -6.52
C LEU B 361 19.91 -28.01 -7.34
N SER B 362 19.96 -28.74 -8.45
CA SER B 362 21.12 -28.66 -9.32
C SER B 362 20.83 -27.37 -10.08
N ILE B 363 21.81 -26.86 -10.81
CA ILE B 363 21.60 -25.64 -11.56
C ILE B 363 20.56 -25.89 -12.67
N ALA B 364 20.55 -27.10 -13.22
CA ALA B 364 19.59 -27.44 -14.27
C ALA B 364 18.16 -27.41 -13.70
N GLU B 365 17.98 -28.02 -12.54
CA GLU B 365 16.66 -28.06 -11.90
C GLU B 365 16.24 -26.63 -11.55
N TYR B 366 17.19 -25.86 -11.05
CA TYR B 366 16.94 -24.46 -10.69
C TYR B 366 16.44 -23.65 -11.89
N GLU B 367 17.17 -23.72 -13.00
CA GLU B 367 16.77 -22.96 -14.18
C GLU B 367 15.41 -23.39 -14.69
N ALA B 368 15.09 -24.67 -14.56
CA ALA B 368 13.79 -25.18 -15.01
C ALA B 368 12.70 -24.62 -14.10
N MET B 369 12.92 -24.69 -12.79
CA MET B 369 11.95 -24.19 -11.81
C MET B 369 11.79 -22.67 -11.95
N PHE B 370 12.93 -21.99 -12.11
CA PHE B 370 12.93 -20.54 -12.23
C PHE B 370 12.19 -20.02 -13.47
N ALA B 371 12.38 -20.68 -14.61
CA ALA B 371 11.77 -20.26 -15.86
C ALA B 371 10.29 -20.58 -16.05
N GLU B 372 9.77 -21.53 -15.28
CA GLU B 372 8.36 -21.90 -15.40
C GLU B 372 7.45 -20.72 -15.11
N THR B 373 6.39 -20.57 -15.92
CA THR B 373 5.45 -19.47 -15.78
C THR B 373 4.06 -19.96 -15.43
N LEU B 374 3.28 -19.12 -14.74
CA LEU B 374 1.92 -19.47 -14.36
C LEU B 374 0.98 -18.67 -15.23
N ASP B 375 0.22 -19.32 -16.11
CA ASP B 375 -0.70 -18.49 -16.87
C ASP B 375 -2.00 -18.54 -16.15
N THR B 376 -2.20 -17.49 -15.38
CA THR B 376 -3.39 -17.34 -14.60
C THR B 376 -4.57 -17.38 -15.56
N ASP B 377 -4.34 -17.03 -16.82
CA ASP B 377 -5.44 -17.02 -17.80
C ASP B 377 -5.89 -18.43 -18.19
N ILE B 378 -5.22 -19.44 -17.65
CA ILE B 378 -5.56 -20.82 -17.94
C ILE B 378 -6.06 -21.57 -16.70
N ASP B 379 -7.25 -22.15 -16.80
CA ASP B 379 -7.78 -22.92 -15.67
C ASP B 379 -6.89 -24.14 -15.53
N GLN B 380 -6.58 -24.52 -14.30
CA GLN B 380 -5.69 -25.65 -14.09
C GLN B 380 -5.57 -25.99 -12.61
N THR B 381 -4.99 -27.13 -12.33
CA THR B 381 -4.75 -27.56 -10.97
C THR B 381 -3.24 -27.68 -10.84
N LEU B 382 -2.71 -27.40 -9.65
CA LEU B 382 -1.27 -27.49 -9.42
C LEU B 382 -1.07 -28.46 -8.27
N GLU B 383 0.03 -29.21 -8.29
CA GLU B 383 0.31 -30.18 -7.23
C GLU B 383 1.51 -29.77 -6.38
N ASP B 384 1.30 -29.36 -5.13
CA ASP B 384 2.43 -29.01 -4.28
C ASP B 384 2.12 -29.43 -2.86
N GLU B 385 3.00 -30.21 -2.25
CA GLU B 385 2.74 -30.68 -0.88
C GLU B 385 2.72 -29.56 0.17
N LEU B 386 3.40 -28.46 -0.12
CA LEU B 386 3.47 -27.35 0.83
C LEU B 386 2.10 -26.77 1.18
N LYS B 387 1.87 -26.57 2.47
CA LYS B 387 0.62 -26.00 2.93
C LYS B 387 0.55 -24.57 2.42
N TYR B 388 -0.65 -24.16 1.98
CA TYR B 388 -0.89 -22.82 1.45
C TYR B 388 -0.28 -22.59 0.07
N SER B 389 0.19 -23.65 -0.58
CA SER B 389 0.71 -23.48 -1.93
C SER B 389 -0.53 -23.36 -2.82
N ILE B 390 -0.35 -22.91 -4.05
CA ILE B 390 -1.48 -22.77 -4.97
C ILE B 390 -1.96 -24.16 -5.38
N SER B 391 -3.26 -24.42 -5.24
CA SER B 391 -3.82 -25.72 -5.57
C SER B 391 -4.59 -25.73 -6.89
N ALA B 392 -5.06 -24.56 -7.32
CA ALA B 392 -5.81 -24.47 -8.56
C ALA B 392 -6.00 -23.02 -8.98
N ILE B 393 -6.33 -22.85 -10.26
CA ILE B 393 -6.58 -21.55 -10.84
C ILE B 393 -7.87 -21.70 -11.63
N ASN B 394 -8.86 -20.88 -11.32
CA ASN B 394 -10.15 -20.93 -12.01
C ASN B 394 -10.53 -19.51 -12.37
N ASN B 395 -10.67 -19.23 -13.67
CA ASN B 395 -11.03 -17.89 -14.11
C ASN B 395 -10.07 -16.87 -13.49
N THR B 396 -8.78 -17.22 -13.50
CA THR B 396 -7.67 -16.41 -12.96
C THR B 396 -7.59 -16.40 -11.44
N VAL B 397 -8.60 -16.93 -10.77
CA VAL B 397 -8.61 -16.94 -9.31
C VAL B 397 -7.83 -18.10 -8.70
N ARG B 398 -6.94 -17.77 -7.76
CA ARG B 398 -6.11 -18.76 -7.10
C ARG B 398 -6.74 -19.38 -5.85
N SER B 399 -6.59 -20.70 -5.72
CA SER B 399 -7.08 -21.43 -4.57
C SER B 399 -5.82 -21.95 -3.87
N TYR B 400 -5.87 -22.07 -2.56
CA TYR B 400 -4.70 -22.51 -1.80
C TYR B 400 -4.96 -23.77 -0.99
N ARG B 401 -3.96 -24.65 -0.95
CA ARG B 401 -4.07 -25.90 -0.20
C ARG B 401 -3.94 -25.64 1.29
N ASN B 402 -4.90 -26.16 2.06
CA ASN B 402 -4.94 -25.99 3.49
C ASN B 402 -5.81 -27.05 4.15
#